data_7NS4
#
_entry.id   7NS4
#
_cell.length_a   1.00
_cell.length_b   1.00
_cell.length_c   1.00
_cell.angle_alpha   90.00
_cell.angle_beta   90.00
_cell.angle_gamma   90.00
#
_symmetry.space_group_name_H-M   'P 1'
#
loop_
_entity.id
_entity.type
_entity.pdbx_description
1 polymer 'E3 ubiquitin-protein ligase RMD5'
2 polymer 'Protein FYV10'
3 non-polymer 'ZINC ION'
#
loop_
_entity_poly.entity_id
_entity_poly.type
_entity_poly.pdbx_seq_one_letter_code
_entity_poly.pdbx_strand_id
1 'polypeptide(L)'
;MSELLDSFETEFAKFYTDSNLEETNLQKCLDHTHEFKSQLKKLKAHLNKHIQESKPEVYNKLSDKEKQKFKRKRELIIEK
LSKSQRQWDHSVKKQIKYVSQQSNRFNKSTLNKLKEFDIDSVYVNKLPKETMENVNEAIGYHILRYSIDNMPLGNKNEAF
QYLKDVYGITNKESTEFIEMGQIVHDLKKGDTESCLKWCSNEMESLSSNHTALSSLKFDLYTLSAMQIVKHGNPVELYYQ
ITQNAPLDCFRHREKELMQNVVPLLTKSLIGQPIEDIDSKVNKELKECTSLFIKEYCAAKHIFFDSPLFLIVLSGLISFQ
FFIKYKTIRELAHVDWTTKDELPFDVKLPDFLTHFHPIFICPVLKEETTTENPPYSLACHHIISKKALDRLSKNGTITFK
CPYCPVNTSMSSTKKVRFVML
;
b
2 'polypeptide(L)'
;MAEKSIFNEPDVDFHLKLNQQLFHIPYELLSKRIKHTQAVINKETKSLHEHTAALNQIFEHNDVEHDELALAKITEMIRK
VDHIERFLNTQIKSYCQILNRIKKRLEFFHELKDIKSQNSGTSHNGNNEGTRTKLIQWYQSYTNILIGDYLTRNNPIKYN
SETKDHWNSGVVFLKQSQLDDLIDYDVLLEANRISTSLLHERNLLPLISWINENKKTLTKKSSILEFQARLQEYIELLKV
DNYTDAIVCFQRFLLPFVKSNFTDLKLASGLLIFIKYCNDQKPTSSTSSGFDTEEIKSQSLPMKKDRIFQHFFHKSLPRI
TSKPAVNTTDYDKSSLINLQSGDFERYLNLLDDQRWSVLNDLFLSDFYSMYGISQNDPLLIYLSLGISSLKTRDCLHPSD
DENGNQETETATTAEKEVEDLQLFTLHSLKRKNCPVCSETFKPITQALPFAHHIQSQLFENPILLPNGNVYDSKKLKKLA
KTLKKQNLISLNPGQIMDPVDMKIFCESDSIKMYPT
;
i
#
# COMPACT_ATOMS: atom_id res chain seq x y z
N SER A 2 -12.09 -0.47 -15.99
CA SER A 2 -12.65 -0.29 -17.32
C SER A 2 -14.11 0.12 -17.21
N GLU A 3 -15.02 -0.85 -17.35
CA GLU A 3 -16.44 -0.54 -17.25
C GLU A 3 -16.84 -0.17 -15.83
N LEU A 4 -16.26 -0.85 -14.83
CA LEU A 4 -16.65 -0.60 -13.45
C LEU A 4 -16.28 0.80 -13.01
N LEU A 5 -15.08 1.28 -13.37
CA LEU A 5 -14.66 2.62 -12.96
C LEU A 5 -15.57 3.69 -13.55
N ASP A 6 -15.92 3.57 -14.83
CA ASP A 6 -16.78 4.55 -15.45
C ASP A 6 -18.18 4.52 -14.85
N SER A 7 -18.74 3.31 -14.69
CA SER A 7 -20.05 3.18 -14.06
C SER A 7 -20.03 3.58 -12.60
N PHE A 8 -18.84 3.72 -12.01
CA PHE A 8 -18.71 4.21 -10.65
C PHE A 8 -18.68 5.73 -10.61
N GLU A 9 -17.90 6.35 -11.49
CA GLU A 9 -17.84 7.80 -11.54
C GLU A 9 -19.19 8.39 -11.91
N THR A 10 -19.90 7.77 -12.86
CA THR A 10 -21.19 8.31 -13.26
C THR A 10 -22.17 8.28 -12.10
N GLU A 11 -22.21 7.20 -11.33
CA GLU A 11 -23.08 7.14 -10.16
C GLU A 11 -22.65 8.12 -9.08
N PHE A 12 -21.34 8.29 -8.90
CA PHE A 12 -20.85 9.16 -7.83
C PHE A 12 -21.14 10.62 -8.12
N ALA A 13 -21.13 11.02 -9.39
CA ALA A 13 -21.35 12.43 -9.71
C ALA A 13 -22.72 12.92 -9.29
N LYS A 14 -23.66 12.01 -9.02
CA LYS A 14 -25.00 12.41 -8.62
C LYS A 14 -25.02 13.10 -7.25
N PHE A 15 -24.00 12.89 -6.42
CA PHE A 15 -23.91 13.59 -5.15
C PHE A 15 -23.77 15.09 -5.33
N TYR A 16 -23.25 15.53 -6.46
CA TYR A 16 -23.00 16.94 -6.70
C TYR A 16 -24.02 17.50 -7.68
N THR A 17 -24.17 18.82 -7.65
CA THR A 17 -24.99 19.52 -8.62
C THR A 17 -24.20 19.72 -9.91
N ASP A 18 -24.68 20.60 -10.79
CA ASP A 18 -24.07 20.76 -12.11
C ASP A 18 -22.62 21.21 -12.02
N SER A 19 -22.26 21.95 -10.98
CA SER A 19 -20.90 22.50 -10.88
C SER A 19 -19.84 21.43 -10.74
N ASN A 20 -20.24 20.18 -10.44
CA ASN A 20 -19.38 19.01 -10.31
C ASN A 20 -18.56 19.06 -9.03
N LEU A 21 -18.58 20.20 -8.35
CA LEU A 21 -17.79 20.38 -7.14
C LEU A 21 -18.48 21.38 -6.24
N GLU A 22 -18.17 21.30 -4.95
CA GLU A 22 -18.32 22.36 -3.95
C GLU A 22 -19.77 22.77 -3.69
N GLU A 23 -20.75 22.20 -4.39
CA GLU A 23 -22.15 22.54 -4.17
C GLU A 23 -22.89 21.24 -3.85
N THR A 24 -22.82 20.83 -2.58
CA THR A 24 -23.46 19.60 -2.15
C THR A 24 -24.94 19.83 -1.89
N ASN A 25 -25.66 18.73 -1.70
CA ASN A 25 -27.12 18.80 -1.69
C ASN A 25 -27.67 19.51 -0.47
N LEU A 26 -26.97 19.46 0.67
CA LEU A 26 -27.48 20.10 1.87
C LEU A 26 -27.53 21.62 1.76
N GLN A 27 -26.91 22.19 0.72
CA GLN A 27 -27.06 23.62 0.49
C GLN A 27 -28.52 24.00 0.33
N LYS A 28 -29.35 23.10 -0.20
CA LYS A 28 -30.78 23.40 -0.29
C LYS A 28 -31.38 23.62 1.10
N CYS A 29 -31.08 22.72 2.04
CA CYS A 29 -31.61 22.87 3.40
C CYS A 29 -31.09 24.14 4.05
N LEU A 30 -29.80 24.42 3.88
CA LEU A 30 -29.25 25.63 4.48
C LEU A 30 -29.91 26.88 3.90
N ASP A 31 -30.10 26.91 2.57
CA ASP A 31 -30.75 28.05 1.94
C ASP A 31 -32.18 28.21 2.42
N HIS A 32 -32.91 27.10 2.56
CA HIS A 32 -34.30 27.18 2.98
C HIS A 32 -34.40 27.70 4.41
N THR A 33 -33.55 27.22 5.31
CA THR A 33 -33.58 27.73 6.68
C THR A 33 -33.19 29.20 6.72
N HIS A 34 -32.22 29.61 5.89
CA HIS A 34 -31.86 31.01 5.81
C HIS A 34 -33.03 31.88 5.37
N GLU A 35 -33.73 31.44 4.32
CA GLU A 35 -34.87 32.19 3.83
C GLU A 35 -35.98 32.26 4.87
N PHE A 36 -36.21 31.17 5.59
CA PHE A 36 -37.21 31.16 6.64
C PHE A 36 -36.88 32.18 7.72
N LYS A 37 -35.62 32.21 8.16
CA LYS A 37 -35.24 33.19 9.17
C LYS A 37 -35.43 34.60 8.64
N SER A 38 -35.05 34.84 7.38
CA SER A 38 -35.22 36.18 6.82
C SER A 38 -36.67 36.60 6.81
N GLN A 39 -37.57 35.66 6.47
CA GLN A 39 -38.99 35.97 6.45
C GLN A 39 -39.49 36.32 7.85
N LEU A 40 -39.08 35.56 8.86
CA LEU A 40 -39.48 35.91 10.23
C LEU A 40 -38.96 37.27 10.63
N LYS A 41 -37.74 37.62 10.24
CA LYS A 41 -37.21 38.93 10.59
C LYS A 41 -38.02 40.05 9.93
N LYS A 42 -38.38 39.87 8.66
CA LYS A 42 -39.21 40.86 7.98
C LYS A 42 -40.56 41.00 8.66
N LEU A 43 -41.20 39.88 9.01
CA LEU A 43 -42.49 39.95 9.68
C LEU A 43 -42.37 40.63 11.04
N LYS A 44 -41.28 40.38 11.76
CA LYS A 44 -41.06 41.05 13.04
C LYS A 44 -40.98 42.55 12.84
N ALA A 45 -40.24 42.98 11.83
CA ALA A 45 -40.12 44.42 11.58
C ALA A 45 -41.47 45.03 11.26
N HIS A 46 -42.25 44.36 10.40
CA HIS A 46 -43.55 44.90 10.02
C HIS A 46 -44.49 44.98 11.22
N LEU A 47 -44.51 43.95 12.07
CA LEU A 47 -45.37 43.97 13.24
C LEU A 47 -44.94 45.05 14.23
N ASN A 48 -43.62 45.22 14.40
CA ASN A 48 -43.14 46.29 15.26
C ASN A 48 -43.60 47.65 14.75
N LYS A 49 -43.47 47.87 13.44
CA LYS A 49 -43.90 49.15 12.87
C LYS A 49 -45.40 49.34 13.05
N HIS A 50 -46.18 48.28 12.83
CA HIS A 50 -47.63 48.39 12.95
C HIS A 50 -48.04 48.74 14.37
N ILE A 51 -47.44 48.08 15.37
CA ILE A 51 -47.82 48.39 16.75
C ILE A 51 -47.33 49.79 17.13
N GLN A 52 -46.15 50.17 16.67
CA GLN A 52 -45.63 51.50 17.00
C GLN A 52 -46.51 52.60 16.43
N GLU A 53 -46.98 52.43 15.18
CA GLU A 53 -47.88 53.41 14.59
C GLU A 53 -49.31 53.26 15.08
N SER A 54 -49.65 52.14 15.73
CA SER A 54 -50.98 51.97 16.29
C SER A 54 -51.21 52.83 17.52
N LYS A 55 -50.18 53.45 18.06
CA LYS A 55 -50.32 54.25 19.26
C LYS A 55 -51.09 55.53 18.95
N PRO A 56 -52.19 55.81 19.66
CA PRO A 56 -52.97 57.02 19.43
C PRO A 56 -52.32 58.26 20.05
N LYS A 71 -59.72 45.76 10.05
CA LYS A 71 -58.33 45.91 9.63
C LYS A 71 -57.90 44.74 8.76
N ARG A 72 -57.56 45.04 7.51
CA ARG A 72 -57.10 44.04 6.56
C ARG A 72 -55.58 43.87 6.60
N LYS A 73 -54.94 44.22 7.72
CA LYS A 73 -53.50 44.13 7.83
C LYS A 73 -53.07 42.90 8.63
N ARG A 74 -53.55 42.76 9.86
CA ARG A 74 -53.15 41.61 10.68
C ARG A 74 -53.57 40.30 10.04
N GLU A 75 -54.77 40.27 9.46
CA GLU A 75 -55.31 39.11 8.78
C GLU A 75 -54.53 38.74 7.54
N LEU A 76 -53.42 39.42 7.26
CA LEU A 76 -52.47 38.98 6.25
C LEU A 76 -51.14 38.59 6.84
N ILE A 77 -50.67 39.29 7.88
CA ILE A 77 -49.38 38.95 8.46
C ILE A 77 -49.43 37.60 9.18
N ILE A 78 -50.54 37.32 9.87
CA ILE A 78 -50.62 36.03 10.57
C ILE A 78 -50.62 34.88 9.56
N GLU A 79 -51.39 35.03 8.48
CA GLU A 79 -51.37 34.02 7.43
C GLU A 79 -50.00 33.91 6.81
N LYS A 80 -49.27 35.03 6.73
CA LYS A 80 -47.92 34.97 6.18
C LYS A 80 -47.00 34.13 7.07
N LEU A 81 -47.11 34.30 8.38
CA LEU A 81 -46.31 33.47 9.29
C LEU A 81 -46.64 32.01 9.12
N SER A 82 -47.94 31.70 9.04
CA SER A 82 -48.34 30.31 8.82
C SER A 82 -47.73 29.77 7.54
N LYS A 83 -47.84 30.54 6.46
CA LYS A 83 -47.30 30.10 5.17
C LYS A 83 -45.81 29.86 5.25
N SER A 84 -45.10 30.74 5.95
CA SER A 84 -43.66 30.60 6.07
C SER A 84 -43.30 29.28 6.76
N GLN A 85 -43.99 28.97 7.86
CA GLN A 85 -43.59 27.75 8.57
C GLN A 85 -43.97 26.50 7.77
N ARG A 86 -45.11 26.52 7.08
CA ARG A 86 -45.44 25.36 6.24
C ARG A 86 -44.39 25.15 5.16
N GLN A 87 -44.03 26.21 4.44
CA GLN A 87 -43.04 26.05 3.39
C GLN A 87 -41.73 25.56 3.96
N TRP A 88 -41.29 26.12 5.09
CA TRP A 88 -39.99 25.75 5.62
C TRP A 88 -39.94 24.27 6.00
N ASP A 89 -40.91 23.81 6.81
CA ASP A 89 -40.77 22.43 7.27
C ASP A 89 -40.99 21.45 6.11
N HIS A 90 -41.96 21.75 5.23
CA HIS A 90 -42.20 20.87 4.09
C HIS A 90 -40.94 20.74 3.24
N SER A 91 -40.31 21.86 2.88
CA SER A 91 -39.14 21.82 2.02
C SER A 91 -37.97 21.11 2.71
N VAL A 92 -37.75 21.38 3.99
CA VAL A 92 -36.63 20.75 4.68
C VAL A 92 -36.82 19.23 4.69
N LYS A 93 -38.03 18.77 5.04
CA LYS A 93 -38.26 17.34 5.07
C LYS A 93 -38.06 16.71 3.69
N LYS A 94 -38.59 17.34 2.64
CA LYS A 94 -38.47 16.77 1.31
C LYS A 94 -37.00 16.66 0.90
N GLN A 95 -36.22 17.73 1.12
CA GLN A 95 -34.83 17.70 0.70
C GLN A 95 -34.02 16.67 1.48
N ILE A 96 -34.24 16.58 2.78
CA ILE A 96 -33.47 15.60 3.56
C ILE A 96 -33.86 14.19 3.17
N LYS A 97 -35.13 13.97 2.85
CA LYS A 97 -35.55 12.65 2.38
C LYS A 97 -34.85 12.29 1.07
N TYR A 98 -34.78 13.24 0.14
CA TYR A 98 -34.13 12.96 -1.13
C TYR A 98 -32.66 12.65 -0.94
N VAL A 99 -31.97 13.41 -0.09
CA VAL A 99 -30.54 13.14 0.07
C VAL A 99 -30.32 11.80 0.76
N SER A 100 -31.18 11.44 1.71
CA SER A 100 -31.05 10.14 2.35
C SER A 100 -31.26 9.01 1.35
N GLN A 101 -32.27 9.14 0.50
CA GLN A 101 -32.52 8.11 -0.51
C GLN A 101 -31.36 8.01 -1.50
N GLN A 102 -30.79 9.15 -1.89
CA GLN A 102 -29.66 9.12 -2.80
C GLN A 102 -28.46 8.41 -2.17
N SER A 103 -28.19 8.70 -0.90
CA SER A 103 -27.06 8.05 -0.24
C SER A 103 -27.32 6.57 -0.05
N ASN A 104 -28.57 6.16 0.10
CA ASN A 104 -28.88 4.74 0.22
C ASN A 104 -28.96 4.03 -1.13
N ARG A 105 -29.07 4.77 -2.23
CA ARG A 105 -29.02 4.15 -3.55
C ARG A 105 -27.61 4.04 -4.09
N PHE A 106 -26.71 4.94 -3.70
CA PHE A 106 -25.31 4.77 -4.09
C PHE A 106 -24.70 3.49 -3.52
N ASN A 107 -25.27 2.96 -2.44
CA ASN A 107 -24.80 1.69 -1.92
C ASN A 107 -25.11 0.55 -2.90
N LYS A 108 -26.22 0.64 -3.63
CA LYS A 108 -26.58 -0.37 -4.62
C LYS A 108 -25.75 -0.29 -5.89
N SER A 109 -24.68 0.51 -5.87
CA SER A 109 -23.63 0.46 -6.88
C SER A 109 -22.23 0.37 -6.30
N THR A 110 -22.03 0.70 -5.02
CA THR A 110 -20.78 0.36 -4.35
C THR A 110 -20.79 -1.03 -3.76
N LEU A 111 -21.91 -1.74 -3.83
CA LEU A 111 -22.04 -3.08 -3.29
C LEU A 111 -22.00 -4.17 -4.35
N ASN A 112 -22.57 -3.93 -5.53
CA ASN A 112 -22.64 -4.96 -6.55
C ASN A 112 -21.26 -5.43 -6.98
N LYS A 113 -20.26 -4.57 -6.87
CA LYS A 113 -18.93 -4.88 -7.37
C LYS A 113 -17.92 -5.10 -6.26
N LEU A 114 -17.75 -4.13 -5.40
CA LEU A 114 -16.63 -4.20 -4.46
C LEU A 114 -16.83 -5.21 -3.36
N LYS A 115 -17.81 -6.11 -3.39
CA LYS A 115 -18.00 -7.08 -2.33
C LYS A 115 -18.10 -8.47 -2.93
N GLU A 116 -17.18 -8.77 -3.86
CA GLU A 116 -17.16 -10.06 -4.52
C GLU A 116 -15.76 -10.69 -4.49
N PHE A 117 -14.87 -10.19 -3.64
CA PHE A 117 -13.49 -10.67 -3.63
C PHE A 117 -13.09 -11.27 -2.30
N ASP A 118 -13.26 -10.57 -1.19
CA ASP A 118 -12.83 -11.02 0.12
C ASP A 118 -11.32 -11.29 0.14
N ILE A 119 -10.57 -10.20 0.01
CA ILE A 119 -9.11 -10.26 -0.08
C ILE A 119 -8.49 -11.16 1.00
N ASP A 120 -9.00 -11.08 2.23
CA ASP A 120 -8.33 -11.76 3.32
C ASP A 120 -8.44 -13.27 3.23
N SER A 121 -9.27 -13.80 2.34
CA SER A 121 -9.38 -15.24 2.13
C SER A 121 -8.15 -15.82 1.45
N VAL A 122 -7.27 -14.99 0.88
CA VAL A 122 -6.07 -15.45 0.20
C VAL A 122 -4.91 -15.67 1.17
N TYR A 123 -5.01 -15.17 2.39
CA TYR A 123 -3.91 -15.24 3.35
C TYR A 123 -3.77 -16.67 3.82
N VAL A 124 -2.90 -17.43 3.17
CA VAL A 124 -2.55 -18.78 3.57
C VAL A 124 -1.03 -18.83 3.66
N ASN A 125 -0.52 -19.75 4.47
CA ASN A 125 0.89 -19.76 4.87
C ASN A 125 1.21 -18.47 5.62
N LYS A 126 0.57 -18.33 6.77
CA LYS A 126 0.64 -17.08 7.51
C LYS A 126 2.06 -16.75 7.91
N LEU A 127 2.40 -15.48 7.83
CA LEU A 127 3.76 -15.03 8.15
C LEU A 127 3.97 -15.15 9.65
N PRO A 128 5.05 -15.79 10.09
CA PRO A 128 5.18 -16.13 11.52
C PRO A 128 5.14 -14.90 12.40
N LYS A 129 4.56 -15.06 13.59
CA LYS A 129 4.40 -13.94 14.51
C LYS A 129 5.70 -13.54 15.18
N GLU A 130 6.71 -14.42 15.17
CA GLU A 130 7.98 -14.09 15.81
C GLU A 130 8.81 -13.11 14.98
N THR A 131 8.71 -13.18 13.65
CA THR A 131 9.50 -12.35 12.76
C THR A 131 8.65 -11.18 12.29
N MET A 132 8.50 -10.20 13.17
CA MET A 132 7.94 -8.91 12.81
C MET A 132 8.94 -7.79 13.01
N GLU A 133 10.12 -8.09 13.54
CA GLU A 133 11.19 -7.12 13.53
C GLU A 133 11.82 -7.01 12.15
N ASN A 134 11.96 -8.13 11.44
CA ASN A 134 12.55 -8.11 10.12
C ASN A 134 11.71 -7.30 9.14
N VAL A 135 10.39 -7.44 9.21
CA VAL A 135 9.51 -6.55 8.46
C VAL A 135 9.76 -5.10 8.86
N ASN A 136 9.95 -4.86 10.16
CA ASN A 136 10.21 -3.51 10.63
C ASN A 136 11.60 -3.01 10.31
N GLU A 137 12.49 -3.88 9.81
CA GLU A 137 13.73 -3.37 9.23
C GLU A 137 13.62 -3.14 7.74
N ALA A 138 12.88 -3.98 7.02
CA ALA A 138 12.66 -3.73 5.60
C ALA A 138 11.92 -2.41 5.39
N ILE A 139 10.93 -2.14 6.24
CA ILE A 139 10.23 -0.87 6.17
C ILE A 139 11.18 0.28 6.47
N GLY A 140 12.03 0.10 7.48
CA GLY A 140 13.02 1.12 7.78
C GLY A 140 13.90 1.43 6.59
N TYR A 141 14.38 0.39 5.91
CA TYR A 141 15.22 0.59 4.74
C TYR A 141 14.47 1.30 3.62
N HIS A 142 13.23 0.90 3.35
CA HIS A 142 12.51 1.53 2.26
C HIS A 142 12.23 3.01 2.55
N ILE A 143 11.84 3.33 3.78
CA ILE A 143 11.63 4.73 4.14
C ILE A 143 12.92 5.50 4.04
N LEU A 144 14.01 4.90 4.51
CA LEU A 144 15.32 5.56 4.48
C LEU A 144 15.82 5.79 3.07
N ARG A 145 15.40 4.97 2.10
CA ARG A 145 15.92 5.08 0.75
C ARG A 145 15.04 5.93 -0.15
N TYR A 146 13.78 5.54 -0.32
CA TYR A 146 12.96 6.19 -1.35
C TYR A 146 12.46 7.57 -0.95
N SER A 147 12.27 7.81 0.34
CA SER A 147 11.58 9.01 0.81
C SER A 147 12.34 9.67 1.95
N ILE A 148 13.64 9.90 1.76
CA ILE A 148 14.46 10.47 2.83
C ILE A 148 14.44 11.99 2.79
N ASP A 149 14.47 12.60 1.61
CA ASP A 149 14.60 14.05 1.52
C ASP A 149 13.31 14.78 1.86
N ASN A 150 12.17 14.11 1.80
CA ASN A 150 10.89 14.75 2.06
C ASN A 150 10.56 14.77 3.56
N MET A 151 11.51 15.22 4.37
CA MET A 151 11.31 15.29 5.80
C MET A 151 12.12 16.45 6.32
N PRO A 152 11.59 17.26 7.23
CA PRO A 152 12.41 18.28 7.90
C PRO A 152 13.40 17.65 8.87
N LEU A 153 14.69 17.69 8.53
CA LEU A 153 15.72 17.08 9.36
C LEU A 153 16.58 18.12 10.06
N GLY A 154 17.23 19.00 9.30
CA GLY A 154 18.07 20.02 9.90
C GLY A 154 19.55 19.84 9.68
N ASN A 155 20.30 19.65 10.77
CA ASN A 155 21.75 19.71 10.73
C ASN A 155 22.31 18.50 9.98
N LYS A 156 23.64 18.41 9.95
CA LYS A 156 24.28 17.30 9.26
C LYS A 156 24.10 15.99 10.02
N ASN A 157 24.35 16.00 11.34
CA ASN A 157 24.28 14.80 12.16
C ASN A 157 23.26 14.89 13.29
N GLU A 158 22.65 16.06 13.50
CA GLU A 158 21.59 16.19 14.48
C GLU A 158 20.25 15.76 13.93
N ALA A 159 20.25 15.01 12.82
CA ALA A 159 19.05 14.41 12.27
C ALA A 159 19.01 12.90 12.47
N PHE A 160 20.16 12.27 12.74
CA PHE A 160 20.17 10.86 13.08
C PHE A 160 19.35 10.61 14.34
N GLN A 161 19.46 11.50 15.32
CA GLN A 161 18.65 11.38 16.53
C GLN A 161 17.17 11.54 16.22
N TYR A 162 16.82 12.46 15.32
CA TYR A 162 15.42 12.62 14.94
C TYR A 162 14.88 11.35 14.29
N LEU A 163 15.67 10.75 13.40
CA LEU A 163 15.27 9.49 12.79
C LEU A 163 15.05 8.42 13.86
N LYS A 164 16.03 8.25 14.75
CA LYS A 164 15.91 7.22 15.77
C LYS A 164 14.73 7.49 16.70
N ASP A 165 14.34 8.75 16.86
CA ASP A 165 13.32 9.08 17.83
C ASP A 165 11.91 8.96 17.27
N VAL A 166 11.69 9.36 16.02
CA VAL A 166 10.33 9.38 15.49
C VAL A 166 10.00 8.06 14.80
N TYR A 167 10.75 7.70 13.76
CA TYR A 167 10.44 6.49 13.00
C TYR A 167 11.13 5.26 13.56
N GLY A 168 12.45 5.23 13.51
CA GLY A 168 13.23 4.04 13.82
C GLY A 168 14.41 3.91 12.89
N ILE A 169 15.51 3.36 13.42
CA ILE A 169 16.81 3.40 12.76
C ILE A 169 17.20 1.98 12.33
N THR A 170 17.74 1.87 11.12
CA THR A 170 18.26 0.60 10.61
C THR A 170 19.74 0.48 10.97
N ASN A 171 20.43 -0.46 10.33
CA ASN A 171 21.83 -0.71 10.60
C ASN A 171 22.69 0.37 9.97
N LYS A 172 23.99 0.11 9.83
CA LYS A 172 24.94 1.12 9.41
C LYS A 172 24.67 1.65 8.01
N GLU A 173 23.57 1.20 7.39
CA GLU A 173 23.13 1.71 6.10
C GLU A 173 22.24 2.94 6.25
N SER A 174 22.44 3.73 7.30
CA SER A 174 21.76 5.01 7.43
C SER A 174 22.67 6.21 7.22
N THR A 175 23.94 6.13 7.59
CA THR A 175 24.87 7.22 7.34
C THR A 175 25.00 7.50 5.85
N GLU A 176 25.14 6.45 5.06
CA GLU A 176 25.26 6.62 3.62
C GLU A 176 24.02 7.28 3.05
N PHE A 177 22.85 6.92 3.55
CA PHE A 177 21.62 7.51 3.03
C PHE A 177 21.43 8.95 3.49
N ILE A 178 21.87 9.29 4.69
CA ILE A 178 21.84 10.69 5.10
C ILE A 178 22.71 11.52 4.16
N GLU A 179 23.92 11.04 3.87
CA GLU A 179 24.79 11.76 2.94
C GLU A 179 24.16 11.86 1.56
N MET A 180 23.56 10.76 1.08
CA MET A 180 22.92 10.76 -0.22
C MET A 180 21.81 11.80 -0.28
N GLY A 181 20.95 11.83 0.73
CA GLY A 181 19.88 12.80 0.77
C GLY A 181 20.40 14.22 0.80
N GLN A 182 21.46 14.44 1.59
CA GLN A 182 22.04 15.78 1.68
C GLN A 182 22.54 16.25 0.32
N ILE A 183 23.35 15.43 -0.35
CA ILE A 183 23.91 15.86 -1.63
C ILE A 183 22.82 16.00 -2.68
N VAL A 184 21.85 15.09 -2.70
CA VAL A 184 20.78 15.19 -3.70
C VAL A 184 19.97 16.46 -3.49
N HIS A 185 19.63 16.76 -2.24
CA HIS A 185 18.85 17.98 -1.99
C HIS A 185 19.66 19.22 -2.33
N ASP A 186 20.96 19.21 -2.02
CA ASP A 186 21.81 20.34 -2.39
C ASP A 186 21.86 20.52 -3.90
N LEU A 187 21.96 19.42 -4.64
CA LEU A 187 22.01 19.50 -6.09
C LEU A 187 20.68 19.92 -6.68
N LYS A 188 19.57 19.60 -6.01
CA LYS A 188 18.26 19.98 -6.51
C LYS A 188 18.08 21.49 -6.52
N LYS A 189 18.73 22.19 -5.59
CA LYS A 189 18.60 23.64 -5.48
C LYS A 189 19.50 24.38 -6.44
N GLY A 190 19.95 23.74 -7.51
CA GLY A 190 20.78 24.40 -8.49
C GLY A 190 22.13 24.83 -7.97
N ASP A 191 22.58 24.26 -6.86
CA ASP A 191 23.88 24.56 -6.29
C ASP A 191 24.75 23.32 -6.43
N THR A 192 25.49 23.25 -7.53
CA THR A 192 26.51 22.22 -7.70
C THR A 192 27.74 22.65 -6.93
N GLU A 193 28.88 22.02 -7.22
CA GLU A 193 30.18 22.23 -6.58
C GLU A 193 30.27 21.50 -5.25
N SER A 194 29.29 20.66 -4.94
CA SER A 194 29.44 19.63 -3.91
C SER A 194 29.40 18.24 -4.52
N CYS A 195 28.52 18.00 -5.49
CA CYS A 195 28.55 16.75 -6.24
C CYS A 195 29.84 16.62 -7.02
N LEU A 196 30.36 17.73 -7.54
CA LEU A 196 31.67 17.70 -8.19
C LEU A 196 32.76 17.24 -7.23
N LYS A 197 32.75 17.77 -6.02
CA LYS A 197 33.72 17.35 -5.01
C LYS A 197 33.57 15.87 -4.69
N TRP A 198 32.33 15.42 -4.52
CA TRP A 198 32.11 14.00 -4.23
C TRP A 198 32.64 13.12 -5.35
N CYS A 199 32.35 13.49 -6.60
CA CYS A 199 32.82 12.69 -7.73
C CYS A 199 34.34 12.68 -7.79
N SER A 200 34.97 13.83 -7.56
CA SER A 200 36.42 13.93 -7.67
C SER A 200 37.15 13.31 -6.49
N ASN A 201 36.46 13.00 -5.40
CA ASN A 201 37.14 12.36 -4.28
C ASN A 201 37.25 10.85 -4.40
N GLU A 202 36.35 10.20 -5.14
CA GLU A 202 36.33 8.74 -5.21
C GLU A 202 37.11 8.21 -6.40
N MET A 203 38.39 8.59 -6.50
CA MET A 203 39.23 8.11 -7.60
C MET A 203 40.52 7.51 -7.04
N SER A 208 38.05 2.85 -8.72
CA SER A 208 36.74 2.44 -9.20
C SER A 208 36.59 2.64 -10.70
N ASN A 209 35.41 2.34 -11.22
CA ASN A 209 35.18 2.41 -12.65
C ASN A 209 35.21 3.87 -13.12
N HIS A 210 36.27 4.22 -13.86
CA HIS A 210 36.45 5.60 -14.29
C HIS A 210 35.39 6.03 -15.29
N THR A 211 34.87 5.11 -16.09
CA THR A 211 34.02 5.47 -17.22
C THR A 211 32.77 6.21 -16.78
N ALA A 212 31.93 5.54 -15.99
CA ALA A 212 30.66 6.13 -15.58
C ALA A 212 30.86 7.35 -14.71
N LEU A 213 31.90 7.34 -13.87
CA LEU A 213 32.17 8.51 -13.05
C LEU A 213 32.50 9.73 -13.91
N SER A 214 33.32 9.55 -14.94
CA SER A 214 33.64 10.66 -15.83
C SER A 214 32.40 11.11 -16.61
N SER A 215 31.56 10.16 -17.00
CA SER A 215 30.32 10.53 -17.67
C SER A 215 29.45 11.38 -16.75
N LEU A 216 29.33 10.98 -15.49
CA LEU A 216 28.58 11.78 -14.53
C LEU A 216 29.19 13.17 -14.37
N LYS A 217 30.51 13.24 -14.30
CA LYS A 217 31.17 14.52 -14.18
C LYS A 217 30.83 15.43 -15.35
N PHE A 218 30.86 14.88 -16.56
CA PHE A 218 30.53 15.68 -17.74
C PHE A 218 29.07 16.12 -17.72
N ASP A 219 28.16 15.22 -17.35
CA ASP A 219 26.75 15.59 -17.33
C ASP A 219 26.49 16.73 -16.36
N LEU A 220 26.99 16.62 -15.13
CA LEU A 220 26.76 17.70 -14.18
C LEU A 220 27.51 18.97 -14.58
N TYR A 221 28.66 18.83 -15.23
CA TYR A 221 29.36 20.00 -15.75
C TYR A 221 28.51 20.71 -16.79
N THR A 222 27.81 19.95 -17.62
CA THR A 222 26.84 20.55 -18.52
C THR A 222 25.75 21.26 -17.73
N LEU A 223 25.31 20.64 -16.63
CA LEU A 223 24.32 21.30 -15.77
C LEU A 223 24.85 22.59 -15.15
N SER A 224 26.17 22.75 -15.04
CA SER A 224 26.74 23.96 -14.48
C SER A 224 26.62 25.17 -15.41
N ALA A 225 26.24 24.96 -16.67
CA ALA A 225 26.11 26.07 -17.61
C ALA A 225 24.77 26.78 -17.42
N VAL A 281 16.36 23.17 -18.43
CA VAL A 281 16.91 22.83 -17.12
C VAL A 281 16.02 21.81 -16.43
N ASN A 282 14.72 22.07 -16.42
CA ASN A 282 13.78 21.18 -15.76
C ASN A 282 13.79 19.78 -16.39
N LYS A 283 14.30 19.65 -17.61
CA LYS A 283 14.50 18.35 -18.23
C LYS A 283 15.93 17.85 -18.10
N GLU A 284 16.80 18.58 -17.40
CA GLU A 284 18.17 18.15 -17.16
C GLU A 284 18.40 17.68 -15.73
N LEU A 285 17.78 18.33 -14.75
CA LEU A 285 17.94 17.88 -13.37
C LEU A 285 17.48 16.44 -13.21
N LYS A 286 16.33 16.11 -13.79
CA LYS A 286 15.77 14.77 -13.69
C LYS A 286 16.63 13.71 -14.36
N GLU A 287 17.59 14.11 -15.19
CA GLU A 287 18.50 13.17 -15.83
C GLU A 287 19.88 13.16 -15.20
N CYS A 288 20.18 14.08 -14.28
CA CYS A 288 21.46 14.08 -13.56
C CYS A 288 21.33 13.53 -12.15
N THR A 289 20.23 13.86 -11.45
CA THR A 289 20.04 13.28 -10.13
C THR A 289 19.96 11.76 -10.21
N SER A 290 19.26 11.24 -11.22
CA SER A 290 19.15 9.79 -11.36
C SER A 290 20.51 9.15 -11.59
N LEU A 291 21.34 9.76 -12.43
CA LEU A 291 22.66 9.20 -12.69
C LEU A 291 23.53 9.22 -11.43
N PHE A 292 23.49 10.33 -10.69
CA PHE A 292 24.26 10.38 -9.44
C PHE A 292 23.77 9.33 -8.47
N ILE A 293 22.45 9.14 -8.38
CA ILE A 293 21.89 8.14 -7.48
C ILE A 293 22.40 6.75 -7.86
N LYS A 294 22.36 6.43 -9.14
CA LYS A 294 22.83 5.14 -9.60
C LYS A 294 24.29 4.93 -9.26
N GLU A 295 25.12 5.94 -9.53
CA GLU A 295 26.56 5.79 -9.31
C GLU A 295 26.95 5.87 -7.85
N TYR A 296 26.08 6.38 -6.98
CA TYR A 296 26.34 6.33 -5.55
C TYR A 296 25.95 4.99 -4.96
N CYS A 297 24.79 4.46 -5.36
CA CYS A 297 24.37 3.15 -4.89
C CYS A 297 25.31 2.07 -5.38
N ALA A 298 25.77 2.17 -6.62
CA ALA A 298 26.71 1.18 -7.14
C ALA A 298 28.13 1.40 -6.63
N ALA A 299 28.39 2.49 -5.91
CA ALA A 299 29.72 2.74 -5.39
C ALA A 299 29.87 2.45 -3.92
N LYS A 300 28.81 2.62 -3.13
CA LYS A 300 28.87 2.30 -1.70
C LYS A 300 28.26 0.94 -1.39
N HIS A 301 27.89 0.16 -2.40
CA HIS A 301 27.49 -1.24 -2.27
C HIS A 301 26.30 -1.39 -1.30
N ILE A 302 25.16 -0.84 -1.72
CA ILE A 302 23.98 -1.04 -0.88
C ILE A 302 22.83 -1.74 -1.61
N PHE A 303 22.18 -1.06 -2.55
CA PHE A 303 21.05 -1.55 -3.36
C PHE A 303 20.62 -0.38 -4.25
N PHE A 304 19.80 -0.69 -5.24
CA PHE A 304 19.19 0.36 -6.04
C PHE A 304 17.67 0.37 -5.92
N ASP A 305 17.03 -0.79 -5.84
CA ASP A 305 15.61 -0.89 -5.59
C ASP A 305 15.41 -1.61 -4.25
N SER A 306 14.46 -1.12 -3.47
CA SER A 306 14.28 -1.67 -2.13
C SER A 306 13.93 -3.15 -2.22
N PRO A 307 14.44 -4.00 -1.32
CA PRO A 307 14.05 -5.40 -1.31
C PRO A 307 12.60 -5.62 -0.93
N LEU A 308 11.84 -4.56 -0.70
CA LEU A 308 10.43 -4.66 -0.36
C LEU A 308 9.54 -4.28 -1.53
N PHE A 309 9.96 -3.30 -2.33
CA PHE A 309 9.14 -2.87 -3.46
C PHE A 309 9.02 -3.98 -4.50
N LEU A 310 10.11 -4.68 -4.81
CA LEU A 310 10.03 -5.77 -5.76
C LEU A 310 9.12 -6.87 -5.26
N ILE A 311 9.16 -7.15 -3.96
CA ILE A 311 8.36 -8.22 -3.40
C ILE A 311 6.88 -7.87 -3.44
N VAL A 312 6.54 -6.61 -3.14
CA VAL A 312 5.16 -6.18 -3.26
C VAL A 312 4.71 -6.23 -4.72
N LEU A 313 5.61 -5.91 -5.66
CA LEU A 313 5.27 -6.05 -7.07
C LEU A 313 4.88 -7.49 -7.41
N SER A 314 5.72 -8.46 -7.02
CA SER A 314 5.41 -9.85 -7.35
C SER A 314 4.12 -10.28 -6.66
N GLY A 315 3.89 -9.81 -5.44
CA GLY A 315 2.63 -10.11 -4.78
C GLY A 315 1.43 -9.58 -5.52
N LEU A 316 1.56 -8.37 -6.08
CA LEU A 316 0.46 -7.81 -6.86
C LEU A 316 0.25 -8.57 -8.16
N ILE A 317 1.32 -9.18 -8.69
CA ILE A 317 1.17 -9.89 -9.95
C ILE A 317 0.55 -11.29 -9.74
N SER A 318 0.74 -11.89 -8.57
CA SER A 318 0.27 -13.27 -8.39
C SER A 318 -1.21 -13.42 -8.02
N PHE A 319 -1.91 -12.32 -7.72
CA PHE A 319 -3.31 -12.44 -7.31
C PHE A 319 -4.19 -13.06 -8.39
N GLN A 320 -4.02 -12.62 -9.64
CA GLN A 320 -4.90 -13.08 -10.70
C GLN A 320 -4.79 -14.59 -10.87
N PHE A 321 -3.56 -15.11 -10.88
CA PHE A 321 -3.37 -16.54 -11.01
C PHE A 321 -3.89 -17.29 -9.80
N PHE A 322 -3.70 -16.73 -8.60
CA PHE A 322 -4.22 -17.42 -7.43
C PHE A 322 -5.73 -17.54 -7.48
N ILE A 323 -6.42 -16.47 -7.86
CA ILE A 323 -7.87 -16.53 -7.88
C ILE A 323 -8.34 -17.46 -9.00
N LYS A 324 -7.63 -17.51 -10.11
CA LYS A 324 -7.98 -18.47 -11.16
C LYS A 324 -7.87 -19.90 -10.66
N TYR A 325 -6.78 -20.21 -9.95
CA TYR A 325 -6.65 -21.54 -9.38
C TYR A 325 -7.76 -21.83 -8.39
N LYS A 326 -8.10 -20.84 -7.55
CA LYS A 326 -9.15 -21.04 -6.56
C LYS A 326 -10.47 -21.37 -7.22
N THR A 327 -10.82 -20.65 -8.29
CA THR A 327 -12.10 -20.91 -8.95
C THR A 327 -12.08 -22.20 -9.77
N ILE A 328 -10.91 -22.65 -10.23
CA ILE A 328 -10.86 -23.97 -10.83
C ILE A 328 -11.05 -25.06 -9.78
N ARG A 329 -10.49 -24.88 -8.59
CA ARG A 329 -10.49 -25.96 -7.60
C ARG A 329 -11.90 -26.36 -7.20
N GLU A 330 -12.76 -25.39 -6.95
CA GLU A 330 -14.14 -25.67 -6.56
C GLU A 330 -15.13 -24.95 -7.45
N TRP A 336 -0.74 -26.71 3.64
CA TRP A 336 -1.89 -26.51 2.78
C TRP A 336 -1.75 -27.34 1.50
N THR A 337 -0.72 -27.05 0.71
CA THR A 337 -0.50 -27.69 -0.58
C THR A 337 0.81 -28.48 -0.53
N THR A 338 0.73 -29.72 -0.06
CA THR A 338 1.82 -30.68 -0.10
C THR A 338 3.08 -30.19 0.62
N LYS A 339 2.95 -29.17 1.47
CA LYS A 339 4.06 -28.66 2.30
C LYS A 339 5.29 -28.33 1.47
N ASP A 340 5.10 -28.01 0.20
CA ASP A 340 6.20 -27.85 -0.74
C ASP A 340 5.76 -26.84 -1.78
N GLU A 341 6.39 -26.87 -2.95
CA GLU A 341 6.10 -25.98 -4.06
C GLU A 341 4.61 -25.73 -4.22
N LEU A 342 4.22 -24.46 -4.13
CA LEU A 342 2.84 -24.10 -4.36
C LEU A 342 2.48 -24.29 -5.83
N PRO A 343 1.25 -24.70 -6.12
CA PRO A 343 0.88 -24.97 -7.52
C PRO A 343 0.66 -23.73 -8.37
N PHE A 344 0.13 -23.94 -9.57
CA PHE A 344 -0.37 -22.97 -10.55
C PHE A 344 0.68 -22.02 -11.12
N ASP A 345 1.96 -22.31 -10.93
CA ASP A 345 3.07 -21.84 -11.77
C ASP A 345 2.91 -20.41 -12.29
N VAL A 346 2.80 -19.47 -11.35
CA VAL A 346 2.65 -18.06 -11.71
C VAL A 346 3.83 -17.60 -12.55
N LYS A 347 3.56 -16.78 -13.56
CA LYS A 347 4.57 -16.23 -14.45
C LYS A 347 4.60 -14.73 -14.31
N LEU A 348 5.80 -14.17 -14.23
CA LEU A 348 6.02 -12.78 -13.89
C LEU A 348 7.18 -12.24 -14.72
N PRO A 349 7.24 -10.92 -14.92
CA PRO A 349 8.12 -10.36 -15.96
C PRO A 349 9.59 -10.65 -15.72
N ASP A 350 10.39 -10.41 -16.75
CA ASP A 350 11.77 -10.88 -16.77
C ASP A 350 12.61 -10.23 -15.67
N PHE A 351 12.45 -8.92 -15.48
CA PHE A 351 13.36 -8.21 -14.59
C PHE A 351 13.15 -8.57 -13.12
N LEU A 352 12.19 -9.45 -12.81
CA LEU A 352 12.10 -10.10 -11.52
C LEU A 352 12.43 -11.59 -11.59
N THR A 353 12.83 -12.09 -12.76
CA THR A 353 13.16 -13.50 -12.91
C THR A 353 14.62 -13.75 -13.23
N HIS A 354 15.37 -12.75 -13.70
CA HIS A 354 16.76 -13.00 -14.05
C HIS A 354 17.68 -12.95 -12.83
N PHE A 355 17.35 -13.69 -11.77
CA PHE A 355 18.17 -13.72 -10.56
C PHE A 355 18.85 -15.07 -10.36
N HIS A 356 18.07 -16.14 -10.23
CA HIS A 356 18.58 -17.48 -10.03
C HIS A 356 18.17 -18.35 -11.23
N PRO A 357 19.09 -19.15 -11.78
CA PRO A 357 18.74 -19.96 -12.94
C PRO A 357 17.95 -21.20 -12.57
N ILE A 358 16.87 -21.46 -13.29
CA ILE A 358 16.00 -22.61 -13.02
C ILE A 358 16.06 -23.56 -14.20
N PHE A 359 16.31 -24.83 -13.91
CA PHE A 359 16.57 -25.86 -14.91
C PHE A 359 15.60 -27.01 -14.70
N ILE A 360 15.06 -27.54 -15.80
CA ILE A 360 14.09 -28.62 -15.75
C ILE A 360 14.69 -29.86 -16.42
N CYS A 361 14.66 -30.97 -15.71
CA CYS A 361 15.28 -32.19 -16.22
C CYS A 361 14.59 -32.63 -17.50
N PRO A 362 15.34 -33.03 -18.54
CA PRO A 362 14.71 -33.35 -19.82
C PRO A 362 14.15 -34.76 -19.91
N VAL A 363 14.54 -35.67 -19.02
CA VAL A 363 14.11 -37.05 -19.10
C VAL A 363 13.06 -37.40 -18.04
N LEU A 364 13.11 -36.80 -16.86
CA LEU A 364 12.15 -37.07 -15.80
C LEU A 364 11.23 -35.89 -15.51
N LYS A 365 11.55 -34.70 -16.03
CA LYS A 365 10.72 -33.49 -15.90
C LYS A 365 10.53 -33.12 -14.43
N GLU A 366 11.64 -32.70 -13.82
CA GLU A 366 11.63 -32.23 -12.43
C GLU A 366 12.77 -31.24 -12.25
N GLU A 367 12.50 -30.17 -11.50
CA GLU A 367 13.50 -29.13 -11.29
C GLU A 367 14.59 -29.64 -10.36
N THR A 368 15.82 -29.65 -10.83
CA THR A 368 16.92 -30.19 -10.03
C THR A 368 17.12 -29.33 -8.78
N THR A 369 17.05 -29.96 -7.62
CA THR A 369 17.11 -29.27 -6.35
C THR A 369 18.52 -29.32 -5.78
N THR A 370 18.68 -28.89 -4.52
CA THR A 370 19.97 -29.01 -3.84
C THR A 370 20.37 -30.47 -3.72
N GLU A 371 19.47 -31.31 -3.23
CA GLU A 371 19.57 -32.74 -3.49
C GLU A 371 19.09 -33.01 -4.91
N ASN A 372 19.57 -34.11 -5.49
CA ASN A 372 19.35 -34.39 -6.90
C ASN A 372 19.92 -33.25 -7.74
N PRO A 373 21.24 -33.07 -7.77
CA PRO A 373 21.82 -32.01 -8.59
C PRO A 373 22.20 -32.53 -9.96
N PRO A 374 22.14 -31.69 -10.99
CA PRO A 374 22.35 -32.17 -12.35
C PRO A 374 23.78 -32.64 -12.59
N TYR A 375 23.90 -33.61 -13.51
CA TYR A 375 25.18 -34.15 -13.96
C TYR A 375 25.29 -34.06 -15.47
N SER A 376 26.51 -33.85 -15.94
CA SER A 376 26.85 -33.94 -17.35
C SER A 376 27.57 -35.25 -17.60
N LEU A 377 27.24 -35.89 -18.72
CA LEU A 377 27.49 -37.31 -18.95
C LEU A 377 28.38 -37.56 -20.19
N ALA A 378 29.37 -36.71 -20.40
CA ALA A 378 30.45 -36.94 -21.37
C ALA A 378 29.97 -36.90 -22.82
N CYS A 379 28.66 -36.82 -23.02
CA CYS A 379 28.09 -36.55 -24.33
C CYS A 379 27.81 -35.06 -24.52
N HIS A 380 28.16 -34.24 -23.53
CA HIS A 380 27.78 -32.83 -23.47
C HIS A 380 26.26 -32.66 -23.46
N HIS A 381 25.60 -33.48 -22.65
CA HIS A 381 24.21 -33.29 -22.28
C HIS A 381 24.13 -33.07 -20.78
N ILE A 382 22.95 -32.72 -20.29
CA ILE A 382 22.72 -32.54 -18.86
C ILE A 382 21.48 -33.34 -18.46
N ILE A 383 21.63 -34.22 -17.47
CA ILE A 383 20.49 -34.94 -16.90
C ILE A 383 20.62 -34.94 -15.39
N SER A 384 19.48 -35.02 -14.71
CA SER A 384 19.46 -35.03 -13.25
C SER A 384 20.11 -36.31 -12.73
N LYS A 385 20.67 -36.21 -11.52
CA LYS A 385 21.40 -37.35 -10.96
C LYS A 385 20.49 -38.56 -10.73
N LYS A 386 19.29 -38.33 -10.22
CA LYS A 386 18.38 -39.44 -9.95
C LYS A 386 18.01 -40.17 -11.23
N ALA A 387 17.71 -39.43 -12.29
CA ALA A 387 17.47 -40.06 -13.58
C ALA A 387 18.71 -40.80 -14.06
N LEU A 388 19.90 -40.28 -13.75
CA LEU A 388 21.13 -40.99 -14.09
C LEU A 388 21.24 -42.31 -13.33
N ASP A 389 20.86 -42.31 -12.05
CA ASP A 389 20.97 -43.51 -11.24
C ASP A 389 19.78 -44.45 -11.41
N ARG A 390 18.79 -44.08 -12.23
CA ARG A 390 17.80 -45.02 -12.71
C ARG A 390 18.01 -45.42 -14.17
N LEU A 391 18.82 -44.66 -14.91
CA LEU A 391 19.30 -45.09 -16.22
C LEU A 391 20.39 -46.14 -16.06
N SER A 392 21.23 -46.00 -15.04
CA SER A 392 22.16 -47.04 -14.64
C SER A 392 21.83 -47.42 -13.20
N LYS A 393 21.66 -48.72 -12.97
CA LYS A 393 21.25 -49.19 -11.65
C LYS A 393 22.21 -48.71 -10.57
N ASN A 394 23.46 -49.18 -10.64
CA ASN A 394 24.54 -48.67 -9.81
C ASN A 394 25.63 -48.01 -10.63
N GLY A 395 25.44 -47.89 -11.94
CA GLY A 395 26.42 -47.25 -12.80
C GLY A 395 27.02 -48.16 -13.84
N THR A 396 26.26 -49.16 -14.27
CA THR A 396 26.73 -50.06 -15.30
C THR A 396 26.95 -49.30 -16.60
N ILE A 397 27.81 -49.84 -17.46
CA ILE A 397 28.37 -49.12 -18.60
C ILE A 397 27.31 -48.69 -19.61
N THR A 398 26.04 -49.00 -19.33
CA THR A 398 24.94 -48.57 -20.19
C THR A 398 25.07 -47.09 -20.51
N PHE A 399 25.28 -46.78 -21.80
CA PHE A 399 25.72 -45.46 -22.24
C PHE A 399 24.84 -44.95 -23.40
N LYS A 400 23.70 -44.37 -23.07
CA LYS A 400 22.85 -43.70 -24.04
C LYS A 400 22.67 -42.25 -23.60
N CYS A 401 21.78 -41.54 -24.27
CA CYS A 401 21.43 -40.19 -23.84
C CYS A 401 20.02 -39.83 -24.28
N CYS A 404 24.07 -39.17 -31.38
CA CYS A 404 25.12 -39.21 -30.36
C CYS A 404 24.83 -40.26 -29.28
N PRO A 405 24.89 -41.53 -29.66
CA PRO A 405 24.61 -42.61 -28.70
C PRO A 405 25.85 -43.01 -27.90
N VAL A 406 26.83 -42.13 -27.79
CA VAL A 406 28.19 -42.52 -27.44
C VAL A 406 28.55 -42.06 -26.02
N ASN A 407 27.59 -42.09 -25.11
CA ASN A 407 27.79 -41.66 -23.73
C ASN A 407 28.69 -42.66 -22.98
N THR A 408 28.80 -42.49 -21.65
CA THR A 408 29.55 -43.42 -20.82
C THR A 408 29.06 -43.29 -19.37
N SER A 409 29.43 -44.28 -18.55
CA SER A 409 28.97 -44.41 -17.17
C SER A 409 29.75 -43.49 -16.25
N MET A 410 29.65 -43.73 -14.93
CA MET A 410 30.19 -42.80 -13.94
C MET A 410 31.70 -42.94 -13.74
N SER A 411 32.43 -42.90 -14.85
CA SER A 411 33.85 -42.62 -14.83
C SER A 411 34.19 -41.33 -15.57
N SER A 412 33.22 -40.76 -16.29
CA SER A 412 33.42 -39.53 -17.03
C SER A 412 32.17 -38.65 -16.93
N THR A 413 31.61 -38.53 -15.74
CA THR A 413 30.48 -37.64 -15.48
C THR A 413 30.86 -36.62 -14.42
N LYS A 414 30.25 -35.43 -14.49
CA LYS A 414 30.67 -34.33 -13.65
C LYS A 414 29.49 -33.53 -13.11
N LYS A 415 29.71 -32.92 -11.95
CA LYS A 415 28.78 -31.99 -11.32
C LYS A 415 28.75 -30.65 -12.05
N VAL A 416 27.58 -30.01 -12.06
CA VAL A 416 27.42 -28.69 -12.66
C VAL A 416 26.66 -27.80 -11.68
N ARG A 417 26.86 -26.50 -11.87
CA ARG A 417 26.09 -25.48 -11.15
C ARG A 417 25.96 -24.28 -12.08
N PHE A 418 24.74 -23.88 -12.38
CA PHE A 418 24.51 -22.80 -13.33
C PHE A 418 24.67 -21.46 -12.63
N VAL A 419 25.56 -20.62 -13.12
CA VAL A 419 25.71 -19.27 -12.56
C VAL A 419 25.27 -18.27 -13.61
N MET A 420 24.32 -17.42 -13.25
CA MET A 420 23.85 -16.39 -14.17
C MET A 420 24.76 -15.18 -14.03
N LEU A 421 25.96 -15.31 -14.60
CA LEU A 421 26.98 -14.28 -14.53
C LEU A 421 26.48 -12.96 -15.10
N LYS B 4 -4.33 -6.38 -22.80
CA LYS B 4 -3.32 -5.48 -23.35
C LYS B 4 -2.50 -4.82 -22.24
N SER B 5 -2.18 -5.60 -21.20
CA SER B 5 -1.40 -5.08 -20.09
C SER B 5 0.02 -4.77 -20.54
N ILE B 6 0.70 -3.92 -19.76
CA ILE B 6 2.06 -3.53 -20.12
C ILE B 6 2.99 -4.72 -19.99
N PHE B 7 3.18 -5.22 -18.78
CA PHE B 7 3.94 -6.44 -18.57
C PHE B 7 3.13 -7.58 -17.93
N ASN B 8 2.61 -7.42 -16.71
CA ASN B 8 1.59 -8.35 -16.22
C ASN B 8 0.56 -7.73 -15.30
N GLU B 9 0.60 -6.44 -15.06
CA GLU B 9 -0.32 -5.82 -14.13
C GLU B 9 -1.78 -6.02 -14.55
N PRO B 10 -2.67 -6.33 -13.61
CA PRO B 10 -4.06 -6.66 -13.96
C PRO B 10 -4.88 -5.41 -14.26
N ASP B 11 -6.05 -5.64 -14.85
CA ASP B 11 -6.90 -4.55 -15.30
C ASP B 11 -7.36 -3.69 -14.12
N VAL B 12 -7.64 -2.42 -14.41
CA VAL B 12 -7.95 -1.46 -13.36
C VAL B 12 -9.21 -1.85 -12.60
N ASP B 13 -10.13 -2.59 -13.22
CA ASP B 13 -11.28 -3.11 -12.48
C ASP B 13 -10.86 -3.98 -11.32
N PHE B 14 -9.65 -4.53 -11.35
CA PHE B 14 -9.22 -5.45 -10.33
C PHE B 14 -8.66 -4.77 -9.09
N HIS B 15 -8.01 -3.61 -9.24
CA HIS B 15 -7.45 -2.94 -8.07
C HIS B 15 -8.54 -2.48 -7.12
N LEU B 16 -9.66 -1.97 -7.66
CA LEU B 16 -10.77 -1.56 -6.81
C LEU B 16 -11.26 -2.72 -5.96
N LYS B 17 -11.56 -3.86 -6.58
CA LYS B 17 -11.94 -5.03 -5.80
C LYS B 17 -10.82 -5.49 -4.88
N LEU B 18 -9.57 -5.15 -5.21
CA LEU B 18 -8.46 -5.55 -4.37
C LEU B 18 -8.49 -4.84 -3.04
N ASN B 19 -8.66 -3.52 -3.05
CA ASN B 19 -8.80 -2.77 -1.81
C ASN B 19 -10.12 -2.01 -1.85
N GLN B 20 -11.19 -2.69 -1.48
CA GLN B 20 -12.49 -2.05 -1.33
C GLN B 20 -12.70 -1.48 0.06
N GLN B 21 -11.81 -1.76 1.00
CA GLN B 21 -11.91 -1.09 2.29
C GLN B 21 -11.72 0.40 2.18
N LEU B 22 -11.05 0.87 1.12
CA LEU B 22 -10.87 2.29 0.90
C LEU B 22 -12.17 2.99 0.52
N PHE B 23 -13.19 2.25 0.10
CA PHE B 23 -14.45 2.85 -0.33
C PHE B 23 -15.61 2.48 0.58
N HIS B 24 -15.34 1.93 1.76
CA HIS B 24 -16.37 1.62 2.73
C HIS B 24 -16.23 2.44 4.00
N ILE B 25 -15.04 2.50 4.57
CA ILE B 25 -14.81 3.28 5.79
C ILE B 25 -15.04 4.77 5.58
N PRO B 26 -14.98 5.35 4.37
CA PRO B 26 -15.53 6.70 4.22
C PRO B 26 -17.04 6.67 4.11
N TYR B 27 -17.59 5.59 3.55
CA TYR B 27 -19.03 5.56 3.32
C TYR B 27 -19.82 5.46 4.61
N GLU B 28 -19.38 4.64 5.57
CA GLU B 28 -20.08 4.59 6.84
C GLU B 28 -20.00 5.91 7.57
N LEU B 29 -18.84 6.58 7.49
CA LEU B 29 -18.72 7.91 8.06
C LEU B 29 -19.70 8.86 7.40
N LEU B 30 -19.89 8.72 6.10
CA LEU B 30 -20.84 9.56 5.37
C LEU B 30 -22.28 9.28 5.82
N SER B 31 -22.62 8.01 6.02
CA SER B 31 -23.99 7.67 6.36
C SER B 31 -24.34 8.05 7.79
N LYS B 32 -23.37 7.97 8.70
CA LYS B 32 -23.61 8.42 10.07
C LYS B 32 -24.05 9.88 10.08
N ARG B 33 -23.46 10.69 9.20
CA ARG B 33 -23.79 12.11 9.15
C ARG B 33 -25.26 12.33 8.82
N ILE B 34 -25.77 11.63 7.81
CA ILE B 34 -27.17 11.79 7.46
C ILE B 34 -28.07 11.21 8.54
N LYS B 35 -27.70 10.05 9.09
CA LYS B 35 -28.51 9.45 10.13
C LYS B 35 -28.56 10.29 11.40
N HIS B 36 -27.62 11.22 11.57
CA HIS B 36 -27.68 12.17 12.67
C HIS B 36 -28.45 13.42 12.31
N THR B 37 -28.16 14.00 11.14
CA THR B 37 -28.80 15.25 10.76
C THR B 37 -30.26 15.06 10.37
N GLN B 38 -30.72 13.83 10.22
CA GLN B 38 -32.16 13.62 10.06
C GLN B 38 -32.87 13.59 11.42
N ALA B 39 -32.25 12.94 12.41
CA ALA B 39 -32.84 12.91 13.74
C ALA B 39 -32.90 14.31 14.33
N VAL B 40 -31.87 15.13 14.10
CA VAL B 40 -31.89 16.47 14.68
C VAL B 40 -33.05 17.29 14.10
N ILE B 41 -33.30 17.17 12.81
CA ILE B 41 -34.41 17.91 12.20
C ILE B 41 -35.74 17.36 12.67
N ASN B 42 -35.86 16.03 12.78
CA ASN B 42 -37.10 15.46 13.27
C ASN B 42 -37.36 15.80 14.72
N LYS B 43 -36.33 16.15 15.48
CA LYS B 43 -36.50 16.57 16.86
C LYS B 43 -36.75 18.07 17.01
N GLU B 44 -36.29 18.88 16.06
CA GLU B 44 -36.49 20.32 16.17
C GLU B 44 -37.74 20.83 15.44
N THR B 45 -38.17 20.13 14.39
CA THR B 45 -39.33 20.58 13.62
C THR B 45 -40.59 20.54 14.47
N LYS B 46 -40.80 19.44 15.20
CA LYS B 46 -41.95 19.36 16.09
C LYS B 46 -41.88 20.43 17.17
N SER B 47 -40.67 20.72 17.66
CA SER B 47 -40.52 21.76 18.67
C SER B 47 -40.98 23.10 18.13
N LEU B 48 -40.52 23.47 16.94
CA LEU B 48 -40.94 24.73 16.34
C LEU B 48 -42.44 24.77 16.08
N HIS B 49 -43.01 23.64 15.64
CA HIS B 49 -44.44 23.60 15.37
C HIS B 49 -45.26 23.81 16.64
N GLU B 50 -44.94 23.05 17.70
CA GLU B 50 -45.63 23.24 18.96
C GLU B 50 -45.39 24.63 19.52
N HIS B 51 -44.25 25.24 19.18
CA HIS B 51 -43.97 26.58 19.68
C HIS B 51 -44.82 27.63 18.98
N THR B 52 -44.94 27.53 17.65
CA THR B 52 -45.78 28.48 16.91
C THR B 52 -47.26 28.28 17.19
N ALA B 53 -47.64 27.08 17.64
CA ALA B 53 -49.01 26.89 18.11
C ALA B 53 -49.34 27.88 19.21
N ALA B 54 -48.37 28.16 20.09
CA ALA B 54 -48.59 29.12 21.17
C ALA B 54 -48.88 30.51 20.63
N LEU B 55 -48.10 30.95 19.64
CA LEU B 55 -48.31 32.27 19.06
C LEU B 55 -49.68 32.36 18.39
N ASN B 56 -50.04 31.32 17.64
CA ASN B 56 -51.35 31.32 16.98
C ASN B 56 -52.47 31.40 18.01
N GLN B 57 -52.30 30.69 19.13
CA GLN B 57 -53.29 30.78 20.20
C GLN B 57 -53.33 32.18 20.81
N ILE B 58 -52.17 32.82 20.95
CA ILE B 58 -52.10 34.10 21.64
C ILE B 58 -52.75 35.20 20.81
N PHE B 59 -52.58 35.19 19.48
CA PHE B 59 -53.30 36.16 18.67
C PHE B 59 -54.80 36.05 18.84
N GLU B 60 -55.34 34.84 18.84
CA GLU B 60 -56.77 34.65 18.98
C GLU B 60 -57.21 34.88 20.43
N ASP B 67 -51.17 43.24 24.24
CA ASP B 67 -50.56 41.93 24.00
C ASP B 67 -49.43 42.01 22.98
N GLU B 68 -48.40 42.79 23.31
CA GLU B 68 -47.21 42.91 22.47
C GLU B 68 -46.21 41.79 22.70
N LEU B 69 -46.66 40.68 23.27
CA LEU B 69 -45.80 39.51 23.48
C LEU B 69 -45.44 38.82 22.18
N ALA B 70 -46.10 39.19 21.07
CA ALA B 70 -45.80 38.59 19.79
C ALA B 70 -44.37 38.89 19.36
N LEU B 71 -43.89 40.11 19.64
CA LEU B 71 -42.50 40.43 19.34
C LEU B 71 -41.55 39.53 20.14
N ALA B 72 -41.85 39.30 21.41
CA ALA B 72 -41.03 38.41 22.22
C ALA B 72 -41.01 37.01 21.64
N LYS B 73 -42.18 36.52 21.23
CA LYS B 73 -42.26 35.17 20.69
C LYS B 73 -41.47 35.05 19.39
N ILE B 74 -41.56 36.06 18.51
CA ILE B 74 -40.81 36.02 17.27
C ILE B 74 -39.31 36.08 17.55
N THR B 75 -38.91 36.86 18.56
CA THR B 75 -37.49 36.91 18.90
C THR B 75 -37.01 35.55 19.39
N GLU B 76 -37.81 34.86 20.21
CA GLU B 76 -37.44 33.51 20.61
C GLU B 76 -37.37 32.58 19.41
N MET B 77 -38.27 32.77 18.44
CA MET B 77 -38.23 31.96 17.23
C MET B 77 -36.92 32.14 16.48
N ILE B 78 -36.47 33.39 16.36
CA ILE B 78 -35.20 33.66 15.68
C ILE B 78 -34.05 33.05 16.45
N ARG B 79 -34.05 33.22 17.78
CA ARG B 79 -33.00 32.67 18.62
C ARG B 79 -32.97 31.16 18.58
N LYS B 80 -34.08 30.53 18.19
CA LYS B 80 -34.09 29.08 18.02
C LYS B 80 -33.63 28.69 16.61
N VAL B 81 -34.02 29.46 15.59
CA VAL B 81 -33.74 29.07 14.22
C VAL B 81 -32.25 29.21 13.91
N ASP B 82 -31.60 30.25 14.42
CA ASP B 82 -30.19 30.43 14.08
C ASP B 82 -29.32 29.28 14.61
N HIS B 83 -29.74 28.64 15.70
CA HIS B 83 -29.01 27.46 16.19
C HIS B 83 -29.08 26.33 15.17
N ILE B 84 -30.26 26.09 14.60
CA ILE B 84 -30.38 25.12 13.53
C ILE B 84 -29.47 25.50 12.37
N GLU B 85 -29.41 26.79 12.06
CA GLU B 85 -28.57 27.24 10.95
C GLU B 85 -27.11 26.88 11.18
N ARG B 86 -26.59 27.18 12.37
CA ARG B 86 -25.20 26.84 12.67
C ARG B 86 -24.98 25.33 12.66
N PHE B 87 -25.95 24.57 13.17
CA PHE B 87 -25.82 23.11 13.16
C PHE B 87 -25.68 22.59 11.74
N LEU B 88 -26.57 23.03 10.85
CA LEU B 88 -26.47 22.62 9.46
C LEU B 88 -25.16 23.07 8.84
N ASN B 89 -24.64 24.21 9.26
CA ASN B 89 -23.36 24.67 8.72
C ASN B 89 -22.25 23.68 9.07
N THR B 90 -22.21 23.23 10.32
CA THR B 90 -21.20 22.25 10.71
C THR B 90 -21.38 20.94 9.96
N GLN B 91 -22.63 20.49 9.82
CA GLN B 91 -22.87 19.22 9.14
C GLN B 91 -22.43 19.29 7.68
N ILE B 92 -22.69 20.42 7.02
CA ILE B 92 -22.28 20.55 5.63
C ILE B 92 -20.76 20.59 5.51
N LYS B 93 -20.09 21.32 6.40
CA LYS B 93 -18.63 21.34 6.31
C LYS B 93 -17.98 20.03 6.73
N SER B 94 -18.72 19.10 7.32
CA SER B 94 -18.16 17.75 7.47
C SER B 94 -18.49 16.85 6.28
N TYR B 95 -19.72 16.96 5.77
CA TYR B 95 -20.15 16.19 4.62
C TYR B 95 -19.26 16.45 3.41
N CYS B 96 -18.96 17.72 3.15
CA CYS B 96 -18.13 18.06 2.00
C CYS B 96 -16.74 17.46 2.13
N GLN B 97 -16.19 17.47 3.34
CA GLN B 97 -14.87 16.90 3.55
C GLN B 97 -14.86 15.40 3.26
N ILE B 98 -15.90 14.68 3.69
CA ILE B 98 -15.94 13.24 3.40
C ILE B 98 -16.05 13.00 1.90
N LEU B 99 -16.88 13.79 1.22
CA LEU B 99 -17.01 13.67 -0.23
C LEU B 99 -15.67 13.87 -0.91
N ASN B 100 -14.92 14.90 -0.48
CA ASN B 100 -13.59 15.13 -1.02
C ASN B 100 -12.70 13.92 -0.80
N ARG B 101 -12.81 13.31 0.39
CA ARG B 101 -11.97 12.15 0.71
C ARG B 101 -12.21 11.03 -0.29
N ILE B 102 -13.47 10.77 -0.65
CA ILE B 102 -13.71 9.71 -1.63
C ILE B 102 -13.22 10.13 -3.02
N LYS B 103 -13.46 11.39 -3.39
CA LYS B 103 -13.16 11.83 -4.76
C LYS B 103 -11.67 11.77 -5.06
N LYS B 104 -10.83 12.05 -4.05
CA LYS B 104 -9.40 11.93 -4.26
C LYS B 104 -9.00 10.50 -4.60
N ARG B 105 -9.54 9.53 -3.86
CA ARG B 105 -9.22 8.14 -4.13
C ARG B 105 -9.75 7.70 -5.48
N LEU B 106 -10.84 8.30 -5.93
CA LEU B 106 -11.32 8.00 -7.29
C LEU B 106 -10.33 8.47 -8.34
N GLU B 107 -9.88 9.72 -8.25
CA GLU B 107 -8.97 10.20 -9.29
C GLU B 107 -7.61 9.52 -9.20
N PHE B 108 -7.25 8.99 -8.03
CA PHE B 108 -6.02 8.21 -7.91
C PHE B 108 -6.01 7.04 -8.88
N PHE B 109 -7.10 6.28 -8.93
CA PHE B 109 -7.16 5.15 -9.87
C PHE B 109 -7.43 5.61 -11.29
N HIS B 110 -8.11 6.75 -11.47
CA HIS B 110 -8.25 7.24 -12.83
C HIS B 110 -6.88 7.55 -13.44
N GLU B 111 -5.92 7.97 -12.61
CA GLU B 111 -4.57 8.18 -13.11
C GLU B 111 -3.97 6.88 -13.67
N LEU B 112 -4.14 5.77 -12.94
CA LEU B 112 -3.65 4.50 -13.44
C LEU B 112 -4.35 4.10 -14.72
N LYS B 113 -5.65 4.35 -14.82
CA LYS B 113 -6.35 4.00 -16.05
C LYS B 113 -5.78 4.78 -17.23
N ASP B 114 -5.51 6.07 -17.04
CA ASP B 114 -4.93 6.87 -18.10
C ASP B 114 -3.55 6.35 -18.50
N ILE B 115 -2.72 5.99 -17.51
CA ILE B 115 -1.39 5.46 -17.82
C ILE B 115 -1.50 4.15 -18.58
N LYS B 116 -2.39 3.26 -18.13
CA LYS B 116 -2.53 1.94 -18.71
C LYS B 116 -3.14 1.98 -20.10
N SER B 117 -3.84 3.06 -20.44
CA SER B 117 -4.40 3.24 -21.79
C SER B 117 -3.46 4.02 -22.71
N GLN B 118 -2.16 3.90 -22.51
CA GLN B 118 -1.20 4.62 -23.34
C GLN B 118 0.00 3.76 -23.70
N GLY B 130 9.99 4.30 -21.61
CA GLY B 130 8.74 4.77 -22.18
C GLY B 130 7.70 5.13 -21.14
N THR B 131 6.69 4.26 -20.99
CA THR B 131 5.69 4.43 -19.96
C THR B 131 5.88 3.45 -18.80
N ARG B 132 6.78 2.48 -18.94
CA ARG B 132 7.01 1.53 -17.85
C ARG B 132 7.42 2.26 -16.58
N THR B 133 8.31 3.24 -16.70
CA THR B 133 8.69 4.01 -15.52
C THR B 133 7.55 4.90 -15.04
N LYS B 134 6.73 5.40 -15.96
CA LYS B 134 5.55 6.16 -15.57
C LYS B 134 4.53 5.31 -14.83
N LEU B 135 4.69 3.99 -14.86
CA LEU B 135 3.89 3.09 -14.02
C LEU B 135 4.62 2.64 -12.77
N ILE B 136 5.95 2.55 -12.84
CA ILE B 136 6.72 2.22 -11.63
C ILE B 136 6.55 3.33 -10.60
N GLN B 137 6.46 4.58 -11.05
CA GLN B 137 6.17 5.65 -10.09
C GLN B 137 4.82 5.45 -9.43
N TRP B 138 3.82 5.04 -10.20
CA TRP B 138 2.51 4.78 -9.63
C TRP B 138 2.57 3.65 -8.62
N TYR B 139 3.34 2.60 -8.89
CA TYR B 139 3.46 1.54 -7.91
C TYR B 139 4.26 1.96 -6.70
N GLN B 140 5.17 2.92 -6.84
CA GLN B 140 5.80 3.50 -5.67
C GLN B 140 4.77 4.18 -4.78
N SER B 141 3.87 4.95 -5.39
CA SER B 141 2.81 5.57 -4.61
C SER B 141 1.90 4.52 -3.97
N TYR B 142 1.58 3.46 -4.73
CA TYR B 142 0.73 2.40 -4.22
C TYR B 142 1.40 1.57 -3.13
N THR B 143 2.72 1.62 -3.03
CA THR B 143 3.40 0.96 -1.93
C THR B 143 3.50 1.85 -0.70
N ASN B 144 3.71 3.15 -0.91
CA ASN B 144 3.75 4.06 0.23
C ASN B 144 2.39 4.16 0.90
N ILE B 145 1.32 4.24 0.11
CA ILE B 145 -0.04 4.30 0.65
C ILE B 145 -0.35 3.13 1.56
N LEU B 146 0.42 2.05 1.42
CA LEU B 146 0.15 0.77 2.06
C LEU B 146 1.05 0.51 3.25
N ILE B 147 2.34 0.87 3.14
CA ILE B 147 3.19 0.92 4.32
C ILE B 147 2.62 1.89 5.35
N GLY B 148 2.07 3.01 4.88
CA GLY B 148 1.47 3.95 5.82
C GLY B 148 0.29 3.36 6.58
N ASP B 149 -0.59 2.67 5.88
CA ASP B 149 -1.77 2.08 6.51
C ASP B 149 -1.47 0.84 7.30
N TYR B 150 -0.29 0.24 7.14
CA TYR B 150 0.09 -0.79 8.08
C TYR B 150 0.77 -0.22 9.31
N LEU B 151 1.57 0.84 9.14
CA LEU B 151 2.25 1.43 10.29
C LEU B 151 1.27 2.16 11.20
N THR B 152 0.29 2.85 10.63
CA THR B 152 -0.65 3.59 11.48
C THR B 152 -1.62 2.70 12.15
N ARG B 153 -1.44 1.39 12.06
CA ARG B 153 -2.36 0.43 12.67
C ARG B 153 -1.77 -0.20 13.93
N ASN B 154 -0.52 -0.68 13.86
CA ASN B 154 0.13 -1.33 15.00
C ASN B 154 1.50 -0.72 15.24
N ASN B 155 1.51 0.40 15.95
CA ASN B 155 2.72 1.10 16.39
C ASN B 155 2.29 2.01 17.53
N PRO B 156 2.90 1.91 18.71
CA PRO B 156 2.30 2.54 19.90
C PRO B 156 2.15 4.05 19.76
N ILE B 157 1.05 4.56 20.29
CA ILE B 157 0.77 5.99 20.21
C ILE B 157 1.77 6.75 21.08
N LYS B 158 2.05 7.99 20.68
CA LYS B 158 2.99 8.81 21.45
C LYS B 158 2.31 9.45 22.65
N TYR B 159 1.34 10.33 22.41
CA TYR B 159 0.63 11.00 23.50
C TYR B 159 -0.10 10.00 24.39
N HIS B 166 -3.48 12.81 19.51
CA HIS B 166 -2.70 11.59 19.41
C HIS B 166 -2.09 11.43 18.02
N TRP B 167 -0.87 10.91 17.96
CA TRP B 167 -0.21 10.69 16.69
C TRP B 167 0.68 9.47 16.80
N ASN B 168 1.00 8.91 15.64
CA ASN B 168 1.80 7.70 15.55
C ASN B 168 2.91 7.91 14.54
N SER B 169 3.66 6.87 14.19
CA SER B 169 4.57 7.01 13.07
C SER B 169 3.83 7.00 11.75
N GLY B 170 2.73 6.24 11.68
CA GLY B 170 1.95 6.22 10.46
C GLY B 170 1.34 7.56 10.11
N VAL B 171 0.83 8.28 11.11
CA VAL B 171 0.25 9.59 10.86
C VAL B 171 1.31 10.54 10.33
N VAL B 172 2.50 10.52 10.92
CA VAL B 172 3.58 11.38 10.46
C VAL B 172 3.95 11.04 9.02
N PHE B 173 4.04 9.76 8.70
CA PHE B 173 4.37 9.37 7.34
C PHE B 173 3.31 9.82 6.35
N LEU B 174 2.03 9.64 6.69
CA LEU B 174 0.96 10.07 5.79
C LEU B 174 0.99 11.57 5.59
N LYS B 175 1.20 12.34 6.66
CA LYS B 175 1.24 13.79 6.51
C LYS B 175 2.42 14.22 5.66
N GLN B 176 3.59 13.61 5.86
CA GLN B 176 4.81 14.07 5.19
C GLN B 176 5.08 13.33 3.89
N SER B 177 4.15 12.52 3.41
CA SER B 177 4.21 12.00 2.05
C SER B 177 3.17 12.63 1.15
N GLN B 178 2.46 13.66 1.63
CA GLN B 178 1.49 14.40 0.84
C GLN B 178 0.37 13.53 0.29
N LEU B 179 0.00 12.47 1.00
CA LEU B 179 -1.11 11.61 0.62
C LEU B 179 -1.94 11.23 1.84
N ASP B 180 -2.24 12.22 2.68
CA ASP B 180 -3.08 11.98 3.85
C ASP B 180 -4.53 11.67 3.48
N ASP B 181 -4.99 12.14 2.33
CA ASP B 181 -6.39 11.93 1.96
C ASP B 181 -6.69 10.46 1.70
N LEU B 182 -5.76 9.73 1.10
CA LEU B 182 -6.03 8.39 0.61
C LEU B 182 -6.03 7.33 1.70
N ILE B 183 -5.73 7.69 2.95
CA ILE B 183 -5.79 6.75 4.07
C ILE B 183 -6.41 7.47 5.25
N ASP B 184 -7.31 6.77 5.96
CA ASP B 184 -8.12 7.44 6.98
C ASP B 184 -7.28 7.90 8.16
N TYR B 185 -6.46 7.01 8.70
CA TYR B 185 -5.54 7.27 9.81
C TYR B 185 -6.25 7.82 11.05
N ASP B 186 -7.57 7.89 11.07
CA ASP B 186 -8.27 8.24 12.29
C ASP B 186 -9.20 7.14 12.78
N VAL B 187 -9.86 6.42 11.88
CA VAL B 187 -10.56 5.21 12.30
C VAL B 187 -9.56 4.18 12.82
N LEU B 188 -8.49 3.95 12.08
CA LEU B 188 -7.47 3.00 12.52
C LEU B 188 -6.84 3.46 13.83
N LEU B 189 -6.57 4.76 13.94
CA LEU B 189 -5.97 5.28 15.17
C LEU B 189 -6.92 5.13 16.34
N GLU B 190 -8.22 5.31 16.11
CA GLU B 190 -9.19 5.14 17.18
C GLU B 190 -9.19 3.68 17.66
N ALA B 191 -9.15 2.74 16.71
CA ALA B 191 -9.05 1.33 17.07
C ALA B 191 -7.78 1.06 17.87
N ASN B 192 -6.67 1.65 17.45
CA ASN B 192 -5.41 1.43 18.17
C ASN B 192 -5.48 1.97 19.59
N ARG B 193 -6.08 3.15 19.77
CA ARG B 193 -6.23 3.71 21.11
C ARG B 193 -7.02 2.78 22.00
N ILE B 194 -8.21 2.36 21.54
CA ILE B 194 -9.06 1.52 22.38
C ILE B 194 -8.35 0.21 22.72
N SER B 195 -7.75 -0.42 21.71
CA SER B 195 -7.17 -1.74 21.90
C SER B 195 -5.83 -1.70 22.62
N THR B 196 -5.20 -0.54 22.76
CA THR B 196 -4.04 -0.46 23.64
C THR B 196 -4.42 -0.04 25.05
N SER B 197 -5.56 0.65 25.22
CA SER B 197 -6.03 0.92 26.57
C SER B 197 -6.61 -0.33 27.22
N LEU B 198 -7.20 -1.22 26.42
CA LEU B 198 -7.75 -2.46 26.95
C LEU B 198 -6.68 -3.47 27.30
N LEU B 199 -5.41 -3.22 26.97
CA LEU B 199 -4.34 -4.13 27.28
C LEU B 199 -3.20 -3.49 28.07
N HIS B 200 -3.21 -2.18 28.28
CA HIS B 200 -2.19 -1.48 29.04
C HIS B 200 -2.90 -0.49 29.95
N GLU B 201 -2.12 0.38 30.59
CA GLU B 201 -2.63 1.43 31.47
C GLU B 201 -3.59 0.84 32.51
N ARG B 202 -3.19 -0.30 33.08
CA ARG B 202 -3.98 -1.05 34.04
C ARG B 202 -5.33 -1.47 33.46
N ASN B 203 -5.43 -1.54 32.14
CA ASN B 203 -6.67 -1.90 31.45
C ASN B 203 -7.83 -1.00 31.84
N LEU B 204 -7.55 0.28 32.07
CA LEU B 204 -8.63 1.24 32.20
C LEU B 204 -9.44 1.22 30.91
N LEU B 205 -10.76 1.13 31.04
CA LEU B 205 -11.58 0.89 29.86
C LEU B 205 -12.39 2.12 29.48
N PRO B 206 -12.11 2.74 28.34
CA PRO B 206 -13.06 3.65 27.71
C PRO B 206 -13.97 2.98 26.69
N LEU B 207 -13.94 1.65 26.64
CA LEU B 207 -14.74 0.92 25.66
C LEU B 207 -16.23 1.14 25.89
N ILE B 208 -16.63 1.34 27.15
CA ILE B 208 -18.03 1.66 27.43
C ILE B 208 -18.42 2.97 26.77
N SER B 209 -17.51 3.93 26.73
CA SER B 209 -17.77 5.17 26.01
C SER B 209 -17.90 4.95 24.51
N TRP B 210 -17.49 3.78 24.01
CA TRP B 210 -17.74 3.45 22.61
C TRP B 210 -19.04 2.69 22.43
N ILE B 211 -19.40 1.81 23.37
CA ILE B 211 -20.68 1.11 23.26
C ILE B 211 -21.83 2.10 23.37
N ASN B 212 -21.78 2.98 24.38
CA ASN B 212 -22.93 3.84 24.67
C ASN B 212 -23.30 4.71 23.49
N GLU B 213 -22.33 5.12 22.69
CA GLU B 213 -22.62 5.89 21.49
C GLU B 213 -23.03 5.02 20.31
N ASN B 214 -23.02 3.69 20.46
CA ASN B 214 -23.30 2.82 19.34
C ASN B 214 -24.16 1.62 19.74
N LYS B 215 -25.08 1.80 20.68
CA LYS B 215 -25.95 0.72 21.12
C LYS B 215 -27.15 0.51 20.21
N LYS B 216 -27.42 1.42 19.29
CA LYS B 216 -28.58 1.27 18.42
C LYS B 216 -28.34 0.25 17.33
N THR B 217 -27.12 0.21 16.77
CA THR B 217 -26.81 -0.68 15.67
C THR B 217 -26.05 -1.93 16.07
N LEU B 218 -25.35 -1.90 17.21
CA LEU B 218 -24.60 -3.08 17.63
C LEU B 218 -25.54 -4.20 18.06
N THR B 219 -26.59 -3.88 18.79
CA THR B 219 -27.49 -4.91 19.31
C THR B 219 -28.50 -5.36 18.27
N LYS B 220 -28.67 -4.62 17.17
CA LYS B 220 -29.47 -5.13 16.06
C LYS B 220 -28.81 -6.38 15.47
N LYS B 221 -27.48 -6.39 15.40
CA LYS B 221 -26.75 -7.60 15.09
C LYS B 221 -26.83 -8.63 16.20
N SER B 222 -27.15 -8.21 17.42
CA SER B 222 -27.21 -9.07 18.60
C SER B 222 -25.89 -9.81 18.82
N SER B 223 -24.84 -9.03 19.04
CA SER B 223 -23.51 -9.56 19.33
C SER B 223 -23.20 -9.40 20.80
N ILE B 224 -22.47 -10.36 21.35
CA ILE B 224 -22.24 -10.43 22.80
C ILE B 224 -21.00 -9.59 23.09
N LEU B 225 -21.21 -8.29 23.21
CA LEU B 225 -20.13 -7.40 23.63
C LEU B 225 -20.46 -6.64 24.91
N GLU B 226 -21.66 -6.11 25.04
CA GLU B 226 -22.04 -5.46 26.29
C GLU B 226 -22.02 -6.45 27.45
N PHE B 227 -22.33 -7.71 27.17
CA PHE B 227 -22.32 -8.73 28.22
C PHE B 227 -20.92 -8.94 28.78
N GLN B 228 -19.94 -9.22 27.89
CA GLN B 228 -18.59 -9.48 28.38
C GLN B 228 -17.99 -8.24 29.01
N ALA B 229 -18.24 -7.06 28.43
CA ALA B 229 -17.75 -5.83 29.04
C ALA B 229 -18.34 -5.64 30.43
N ARG B 230 -19.64 -5.89 30.59
CA ARG B 230 -20.26 -5.75 31.90
C ARG B 230 -19.67 -6.74 32.91
N LEU B 231 -19.47 -7.99 32.50
CA LEU B 231 -18.88 -8.96 33.43
C LEU B 231 -17.47 -8.56 33.82
N GLN B 232 -16.67 -8.11 32.86
CA GLN B 232 -15.31 -7.70 33.17
C GLN B 232 -15.29 -6.49 34.09
N GLU B 233 -16.23 -5.56 33.88
CA GLU B 233 -16.33 -4.40 34.76
C GLU B 233 -16.71 -4.81 36.16
N TYR B 234 -17.62 -5.77 36.29
CA TYR B 234 -18.03 -6.23 37.61
C TYR B 234 -16.87 -6.92 38.33
N ILE B 235 -16.17 -7.82 37.64
CA ILE B 235 -15.11 -8.60 38.29
C ILE B 235 -14.00 -7.69 38.76
N GLU B 236 -13.50 -6.83 37.87
CA GLU B 236 -12.41 -5.94 38.21
C GLU B 236 -12.92 -4.65 38.84
N LEU B 348 -8.12 -21.00 36.61
CA LEU B 348 -9.18 -20.02 36.81
C LEU B 348 -9.34 -19.12 35.59
N ASN B 349 -9.92 -19.67 34.53
CA ASN B 349 -10.13 -18.90 33.31
C ASN B 349 -11.05 -17.71 33.56
N LEU B 350 -12.11 -17.90 34.34
CA LEU B 350 -13.04 -16.82 34.64
C LEU B 350 -12.41 -15.70 35.44
N LEU B 351 -11.22 -15.92 36.01
CA LEU B 351 -10.46 -14.84 36.64
C LEU B 351 -9.11 -14.64 35.97
N ASP B 352 -8.83 -15.37 34.89
CA ASP B 352 -7.52 -15.31 34.27
C ASP B 352 -7.31 -13.98 33.54
N ASP B 353 -6.07 -13.74 33.13
CA ASP B 353 -5.75 -12.54 32.38
C ASP B 353 -6.25 -12.64 30.94
N GLN B 354 -6.27 -13.85 30.39
CA GLN B 354 -6.55 -14.02 28.96
C GLN B 354 -7.94 -13.54 28.58
N ARG B 355 -8.82 -13.34 29.57
CA ARG B 355 -10.10 -12.71 29.27
C ARG B 355 -9.91 -11.32 28.70
N TRP B 356 -8.87 -10.61 29.14
CA TRP B 356 -8.53 -9.33 28.52
C TRP B 356 -8.30 -9.50 27.03
N SER B 357 -7.49 -10.47 26.66
CA SER B 357 -7.17 -10.68 25.25
C SER B 357 -8.40 -11.06 24.45
N VAL B 358 -9.23 -11.96 25.00
CA VAL B 358 -10.41 -12.38 24.25
C VAL B 358 -11.39 -11.23 24.11
N LEU B 359 -11.48 -10.37 25.13
CA LEU B 359 -12.31 -9.18 25.04
C LEU B 359 -11.81 -8.24 23.94
N ASN B 360 -10.50 -8.06 23.88
CA ASN B 360 -9.90 -7.23 22.83
C ASN B 360 -10.20 -7.79 21.45
N ASP B 361 -10.05 -9.11 21.29
CA ASP B 361 -10.32 -9.75 20.02
C ASP B 361 -11.77 -9.58 19.62
N LEU B 362 -12.69 -9.71 20.59
CA LEU B 362 -14.10 -9.55 20.29
C LEU B 362 -14.42 -8.13 19.84
N PHE B 363 -13.84 -7.13 20.52
CA PHE B 363 -14.07 -5.75 20.12
C PHE B 363 -13.55 -5.50 18.71
N LEU B 364 -12.35 -6.00 18.40
CA LEU B 364 -11.82 -5.83 17.05
C LEU B 364 -12.73 -6.49 16.02
N SER B 365 -13.25 -7.68 16.32
CA SER B 365 -14.14 -8.35 15.39
C SER B 365 -15.36 -7.49 15.08
N ASP B 366 -16.02 -6.98 16.12
CA ASP B 366 -17.22 -6.19 15.88
C ASP B 366 -16.90 -4.87 15.18
N PHE B 367 -15.81 -4.21 15.56
CA PHE B 367 -15.42 -2.96 14.91
C PHE B 367 -15.16 -3.16 13.42
N TYR B 368 -14.32 -4.15 13.10
CA TYR B 368 -13.98 -4.39 11.69
C TYR B 368 -15.20 -4.81 10.88
N SER B 369 -16.02 -5.71 11.42
CA SER B 369 -17.22 -6.09 10.68
C SER B 369 -18.21 -4.94 10.57
N MET B 370 -18.14 -3.96 11.46
CA MET B 370 -18.98 -2.77 11.32
C MET B 370 -18.50 -1.87 10.19
N TYR B 371 -17.19 -1.65 10.10
CA TYR B 371 -16.70 -0.72 9.09
C TYR B 371 -16.30 -1.39 7.78
N GLY B 372 -15.49 -2.45 7.84
CA GLY B 372 -15.05 -3.11 6.63
C GLY B 372 -13.55 -3.09 6.43
N ILE B 373 -12.80 -3.17 7.53
CA ILE B 373 -11.36 -2.93 7.49
C ILE B 373 -10.53 -4.18 7.19
N SER B 374 -11.17 -5.34 7.00
CA SER B 374 -10.45 -6.49 6.44
C SER B 374 -9.26 -6.95 7.28
N GLN B 375 -9.55 -7.66 8.39
CA GLN B 375 -8.61 -7.78 9.50
C GLN B 375 -7.39 -8.63 9.20
N ASN B 376 -6.62 -8.22 8.19
CA ASN B 376 -5.27 -8.71 8.00
C ASN B 376 -4.50 -7.63 7.26
N ASP B 377 -3.33 -7.29 7.75
CA ASP B 377 -2.58 -6.19 7.16
C ASP B 377 -2.31 -6.49 5.70
N PRO B 378 -2.72 -5.62 4.77
CA PRO B 378 -2.46 -5.90 3.36
C PRO B 378 -0.99 -6.04 3.06
N LEU B 379 -0.14 -5.31 3.77
CA LEU B 379 1.30 -5.51 3.61
C LEU B 379 1.67 -6.95 3.90
N LEU B 380 1.08 -7.54 4.94
CA LEU B 380 1.37 -8.93 5.26
C LEU B 380 0.92 -9.87 4.15
N ILE B 381 -0.27 -9.65 3.59
CA ILE B 381 -0.77 -10.51 2.51
C ILE B 381 0.17 -10.44 1.32
N TYR B 382 0.52 -9.23 0.91
CA TYR B 382 1.38 -9.06 -0.24
C TYR B 382 2.74 -9.71 -0.02
N LEU B 383 3.31 -9.54 1.17
CA LEU B 383 4.59 -10.19 1.44
C LEU B 383 4.46 -11.70 1.44
N SER B 384 3.42 -12.24 2.07
CA SER B 384 3.27 -13.69 2.18
C SER B 384 3.04 -14.35 0.83
N LEU B 385 2.55 -13.61 -0.17
CA LEU B 385 2.55 -14.21 -1.50
C LEU B 385 3.81 -13.91 -2.29
N GLY B 386 4.31 -12.68 -2.23
CA GLY B 386 5.45 -12.33 -3.04
C GLY B 386 6.68 -13.13 -2.70
N ILE B 387 6.94 -13.32 -1.40
CA ILE B 387 8.15 -14.02 -0.99
C ILE B 387 8.11 -15.47 -1.44
N SER B 388 6.93 -16.08 -1.43
CA SER B 388 6.81 -17.45 -1.90
C SER B 388 6.62 -17.54 -3.40
N SER B 389 6.50 -16.42 -4.10
CA SER B 389 6.37 -16.46 -5.55
C SER B 389 7.69 -16.45 -6.29
N LEU B 390 8.75 -15.89 -5.69
CA LEU B 390 10.07 -15.86 -6.32
C LEU B 390 11.13 -16.52 -5.46
N LYS B 391 10.73 -17.40 -4.54
CA LYS B 391 11.69 -18.22 -3.80
C LYS B 391 11.97 -19.45 -4.66
N THR B 392 12.95 -19.34 -5.55
CA THR B 392 13.22 -20.40 -6.52
C THR B 392 13.96 -21.54 -5.86
N ARG B 393 14.43 -22.48 -6.67
CA ARG B 393 14.92 -23.75 -6.14
C ARG B 393 16.25 -23.63 -5.43
N ASP B 394 17.01 -22.57 -5.68
CA ASP B 394 18.23 -22.28 -4.90
C ASP B 394 18.26 -20.80 -4.56
N CYS B 395 17.64 -20.45 -3.43
CA CYS B 395 17.88 -19.15 -2.81
C CYS B 395 18.64 -19.26 -1.51
N LEU B 396 18.53 -20.37 -0.79
CA LEU B 396 19.31 -20.58 0.42
C LEU B 396 20.46 -21.53 0.18
N HIS B 397 21.03 -21.48 -1.01
CA HIS B 397 22.15 -22.34 -1.37
C HIS B 397 23.36 -21.99 -0.53
N PRO B 398 23.96 -22.95 0.20
CA PRO B 398 25.11 -22.68 1.06
C PRO B 398 26.32 -22.17 0.29
N ASP B 420 40.17 -6.01 -2.20
CA ASP B 420 39.37 -5.10 -3.01
C ASP B 420 38.85 -5.81 -4.25
N LEU B 421 39.68 -6.66 -4.83
CA LEU B 421 39.27 -7.42 -6.01
C LEU B 421 38.12 -8.36 -5.68
N GLN B 422 38.15 -8.96 -4.50
CA GLN B 422 37.09 -9.89 -4.12
C GLN B 422 35.74 -9.19 -4.09
N LEU B 423 35.69 -7.93 -3.65
CA LEU B 423 34.41 -7.23 -3.55
C LEU B 423 33.80 -6.99 -4.93
N PHE B 424 34.61 -6.50 -5.87
CA PHE B 424 34.10 -6.29 -7.22
C PHE B 424 33.69 -7.61 -7.86
N THR B 425 34.47 -8.67 -7.65
CA THR B 425 34.10 -9.96 -8.22
C THR B 425 32.77 -10.45 -7.67
N LEU B 426 32.61 -10.44 -6.34
CA LEU B 426 31.41 -11.01 -5.73
C LEU B 426 30.23 -10.06 -5.75
N HIS B 427 30.39 -8.83 -6.25
CA HIS B 427 29.24 -8.04 -6.64
C HIS B 427 28.97 -8.06 -8.14
N SER B 428 29.91 -8.59 -8.94
CA SER B 428 29.65 -8.74 -10.37
C SER B 428 28.66 -9.85 -10.68
N LEU B 429 28.31 -10.68 -9.72
CA LEU B 429 27.33 -11.74 -9.93
C LEU B 429 25.92 -11.16 -9.99
N LYS B 430 24.99 -11.96 -10.49
CA LYS B 430 23.58 -11.59 -10.52
C LYS B 430 22.76 -12.35 -9.49
N ARG B 431 23.40 -13.01 -8.53
CA ARG B 431 22.71 -13.59 -7.39
C ARG B 431 22.74 -12.70 -6.17
N LYS B 432 23.74 -11.81 -6.05
CA LYS B 432 23.78 -10.92 -4.90
C LYS B 432 22.85 -9.74 -5.14
N ASN B 433 21.64 -10.02 -5.59
CA ASN B 433 20.60 -9.03 -5.73
C ASN B 433 19.23 -9.59 -5.38
N CYS B 434 19.12 -10.84 -4.98
CA CYS B 434 17.81 -11.48 -4.94
C CYS B 434 17.08 -10.95 -3.71
N PRO B 435 15.91 -10.34 -3.87
CA PRO B 435 15.23 -9.76 -2.70
C PRO B 435 14.90 -10.77 -1.62
N VAL B 436 14.52 -11.99 -2.01
CA VAL B 436 13.99 -12.93 -1.02
C VAL B 436 15.08 -13.50 -0.13
N CYS B 437 16.31 -13.62 -0.62
CA CYS B 437 17.39 -14.22 0.17
C CYS B 437 18.51 -13.23 0.38
N SER B 438 18.18 -11.96 0.64
CA SER B 438 19.24 -10.96 0.58
C SER B 438 20.06 -10.87 1.86
N GLU B 439 19.52 -10.25 2.92
CA GLU B 439 20.24 -10.26 4.18
C GLU B 439 19.33 -10.30 5.40
N THR B 440 18.06 -9.90 5.21
CA THR B 440 17.13 -9.76 6.31
C THR B 440 15.79 -10.41 6.02
N PHE B 441 15.62 -11.05 4.87
CA PHE B 441 14.44 -11.81 4.59
C PHE B 441 14.67 -13.32 4.66
N LYS B 442 15.87 -13.75 5.01
CA LYS B 442 16.10 -15.18 5.19
C LYS B 442 15.22 -15.77 6.28
N PRO B 443 15.15 -15.21 7.50
CA PRO B 443 14.21 -15.77 8.49
C PRO B 443 12.76 -15.71 8.05
N ILE B 444 12.37 -14.69 7.29
CA ILE B 444 11.01 -14.64 6.77
C ILE B 444 10.77 -15.79 5.81
N THR B 445 11.74 -16.06 4.94
CA THR B 445 11.57 -16.96 3.81
C THR B 445 11.92 -18.41 4.14
N GLN B 446 12.43 -18.69 5.32
CA GLN B 446 12.74 -20.08 5.67
C GLN B 446 11.48 -20.94 5.62
N ALA B 447 10.41 -20.47 6.24
CA ALA B 447 9.18 -21.25 6.38
C ALA B 447 8.13 -20.83 5.35
N LEU B 448 8.45 -20.94 4.06
CA LEU B 448 7.50 -20.65 3.00
C LEU B 448 7.78 -21.55 1.81
N PRO B 449 6.76 -21.88 1.01
CA PRO B 449 6.94 -22.82 -0.11
C PRO B 449 7.86 -22.29 -1.19
N PHE B 450 8.21 -23.09 -2.20
CA PHE B 450 9.23 -22.62 -3.13
C PHE B 450 8.69 -21.96 -4.40
N ALA B 451 8.19 -22.76 -5.34
CA ALA B 451 7.80 -22.24 -6.65
C ALA B 451 7.38 -23.40 -7.53
N HIS B 452 6.62 -23.08 -8.58
CA HIS B 452 6.26 -24.06 -9.60
C HIS B 452 6.56 -23.45 -10.97
N HIS B 453 7.25 -24.21 -11.82
CA HIS B 453 7.63 -23.71 -13.14
C HIS B 453 7.64 -24.88 -14.12
N ILE B 454 7.08 -24.66 -15.31
CA ILE B 454 6.98 -25.72 -16.30
C ILE B 454 7.75 -25.27 -17.55
N GLN B 455 8.81 -24.50 -17.34
CA GLN B 455 9.64 -24.06 -18.46
C GLN B 455 11.03 -23.74 -17.93
N SER B 456 12.03 -24.45 -18.43
CA SER B 456 13.42 -24.23 -17.99
C SER B 456 13.96 -23.01 -18.71
N GLN B 457 14.03 -21.89 -18.02
CA GLN B 457 14.62 -20.69 -18.60
C GLN B 457 16.10 -20.63 -18.20
N LEU B 458 16.95 -20.35 -19.18
CA LEU B 458 18.39 -20.43 -19.00
C LEU B 458 19.06 -19.47 -19.96
N PHE B 459 20.30 -19.12 -19.64
CA PHE B 459 21.13 -18.34 -20.55
C PHE B 459 21.50 -19.15 -21.79
N GLU B 460 21.79 -18.43 -22.87
CA GLU B 460 21.72 -19.02 -24.20
C GLU B 460 22.87 -20.00 -24.44
N ASN B 461 24.11 -19.50 -24.43
CA ASN B 461 25.27 -20.28 -24.86
C ASN B 461 26.23 -20.59 -23.72
N PRO B 462 26.06 -21.75 -23.08
CA PRO B 462 26.79 -22.02 -21.84
C PRO B 462 28.17 -22.58 -22.06
N ILE B 463 28.98 -22.52 -21.01
CA ILE B 463 30.37 -22.95 -21.01
C ILE B 463 30.70 -23.56 -19.65
N LEU B 464 31.36 -24.71 -19.68
CA LEU B 464 31.84 -25.37 -18.46
C LEU B 464 33.35 -25.23 -18.38
N LEU B 465 33.86 -24.97 -17.18
CA LEU B 465 35.29 -24.91 -16.94
C LEU B 465 35.62 -25.71 -15.68
N PRO B 466 36.87 -26.21 -15.58
CA PRO B 466 37.20 -27.23 -14.56
C PRO B 466 36.73 -26.97 -13.13
N ASN B 467 36.33 -25.75 -12.80
CA ASN B 467 35.89 -25.47 -11.44
C ASN B 467 34.63 -26.23 -11.07
N GLY B 468 33.86 -26.67 -12.06
CA GLY B 468 32.65 -27.44 -11.83
C GLY B 468 31.36 -26.73 -12.19
N ASN B 469 31.39 -25.43 -12.40
CA ASN B 469 30.19 -24.64 -12.64
C ASN B 469 30.22 -24.01 -14.02
N VAL B 470 29.04 -23.84 -14.61
CA VAL B 470 28.89 -23.38 -15.99
C VAL B 470 28.35 -21.96 -15.99
N TYR B 471 28.98 -21.09 -16.78
CA TYR B 471 28.68 -19.66 -16.72
C TYR B 471 28.04 -19.13 -17.99
N ASP B 472 28.81 -19.00 -19.06
CA ASP B 472 28.39 -18.29 -20.25
C ASP B 472 29.58 -18.27 -21.20
N SER B 473 29.33 -17.83 -22.43
CA SER B 473 30.40 -17.68 -23.40
C SER B 473 30.93 -16.28 -23.49
N LYS B 474 30.05 -15.28 -23.56
CA LYS B 474 30.46 -13.90 -23.78
C LYS B 474 30.64 -13.10 -22.49
N LYS B 475 29.80 -13.32 -21.49
CA LYS B 475 29.88 -12.51 -20.29
C LYS B 475 31.25 -12.65 -19.64
N LEU B 476 31.84 -13.84 -19.69
CA LEU B 476 33.17 -14.02 -19.16
C LEU B 476 34.19 -13.20 -19.96
N LYS B 477 34.04 -13.16 -21.28
CA LYS B 477 34.94 -12.33 -22.09
C LYS B 477 34.82 -10.87 -21.72
N LYS B 478 33.59 -10.37 -21.54
CA LYS B 478 33.41 -8.96 -21.21
C LYS B 478 33.94 -8.64 -19.82
N LEU B 479 33.74 -9.53 -18.86
CA LEU B 479 34.30 -9.30 -17.54
C LEU B 479 35.83 -9.36 -17.54
N ALA B 480 36.42 -10.25 -18.35
CA ALA B 480 37.87 -10.26 -18.47
C ALA B 480 38.38 -8.95 -19.03
N LYS B 481 37.73 -8.44 -20.09
CA LYS B 481 38.15 -7.16 -20.65
C LYS B 481 37.98 -6.03 -19.63
N THR B 482 36.87 -6.03 -18.89
CA THR B 482 36.65 -5.00 -17.89
C THR B 482 37.75 -5.01 -16.83
N LEU B 483 38.07 -6.19 -16.29
CA LEU B 483 39.17 -6.29 -15.36
C LEU B 483 40.49 -5.90 -16.00
N LYS B 484 40.61 -6.03 -17.32
CA LYS B 484 41.81 -5.60 -18.01
C LYS B 484 41.91 -4.08 -18.06
N LYS B 485 40.79 -3.40 -18.24
CA LYS B 485 40.81 -1.96 -18.47
C LYS B 485 40.75 -1.15 -17.18
N GLN B 486 40.81 -1.80 -16.02
CA GLN B 486 40.82 -1.09 -14.75
C GLN B 486 42.04 -1.38 -13.89
N ASN B 487 42.96 -2.22 -14.37
CA ASN B 487 44.25 -2.45 -13.72
C ASN B 487 44.08 -3.01 -12.30
N LEU B 488 43.31 -4.09 -12.19
CA LEU B 488 43.17 -4.83 -10.95
C LEU B 488 43.97 -6.12 -10.93
N ILE B 489 44.17 -6.73 -12.10
CA ILE B 489 44.78 -8.05 -12.24
C ILE B 489 45.70 -8.06 -13.45
N SER B 490 46.51 -9.11 -13.55
CA SER B 490 47.49 -9.28 -14.63
C SER B 490 47.09 -10.49 -15.48
N LEU B 491 46.49 -10.22 -16.64
CA LEU B 491 46.01 -11.25 -17.53
C LEU B 491 46.96 -11.41 -18.73
N ASN B 492 46.57 -12.25 -19.68
CA ASN B 492 47.35 -12.51 -20.88
C ASN B 492 46.38 -12.89 -21.98
N PRO B 493 46.84 -12.96 -23.26
CA PRO B 493 45.92 -13.20 -24.38
C PRO B 493 44.79 -14.19 -24.16
N GLY B 494 45.12 -15.41 -23.72
CA GLY B 494 44.14 -16.46 -23.61
C GLY B 494 43.60 -16.76 -22.22
N GLN B 495 44.01 -15.99 -21.21
CA GLN B 495 43.55 -16.27 -19.86
C GLN B 495 42.07 -15.94 -19.72
N ILE B 496 41.43 -16.58 -18.74
CA ILE B 496 40.06 -16.26 -18.36
C ILE B 496 39.95 -16.39 -16.85
N MET B 497 39.07 -15.60 -16.25
CA MET B 497 38.95 -15.57 -14.80
C MET B 497 37.57 -16.04 -14.36
N ASP B 498 37.56 -16.80 -13.26
CA ASP B 498 36.35 -17.34 -12.67
C ASP B 498 35.98 -16.53 -11.45
N PRO B 499 34.77 -15.96 -11.37
CA PRO B 499 34.40 -15.17 -10.19
C PRO B 499 34.36 -15.98 -8.90
N VAL B 500 33.56 -17.05 -8.85
CA VAL B 500 33.46 -17.83 -7.64
C VAL B 500 34.74 -18.66 -7.48
N ASP B 501 35.39 -18.51 -6.32
CA ASP B 501 36.68 -19.14 -6.06
C ASP B 501 37.70 -18.71 -7.12
N MET B 502 38.00 -17.42 -7.10
CA MET B 502 38.81 -16.73 -8.10
C MET B 502 39.97 -17.58 -8.61
N LYS B 503 40.01 -17.78 -9.92
CA LYS B 503 41.07 -18.58 -10.51
C LYS B 503 41.20 -18.21 -11.98
N ILE B 504 42.36 -18.53 -12.54
CA ILE B 504 42.69 -18.22 -13.94
C ILE B 504 42.84 -19.52 -14.70
N PHE B 505 42.07 -19.67 -15.77
CA PHE B 505 42.08 -20.86 -16.60
C PHE B 505 42.36 -20.48 -18.05
N CYS B 506 43.07 -21.36 -18.76
CA CYS B 506 43.37 -21.10 -20.14
C CYS B 506 42.09 -21.15 -20.98
N GLU B 507 42.17 -20.55 -22.17
CA GLU B 507 40.99 -20.47 -23.03
C GLU B 507 40.56 -21.85 -23.52
N SER B 508 41.49 -22.78 -23.66
CA SER B 508 41.17 -24.10 -24.19
C SER B 508 40.73 -25.08 -23.12
N ASP B 509 40.69 -24.68 -21.85
CA ASP B 509 40.04 -25.47 -20.81
C ASP B 509 38.59 -25.06 -20.67
N SER B 510 37.89 -25.05 -21.80
CA SER B 510 36.51 -24.60 -21.91
C SER B 510 35.73 -25.61 -22.71
N ILE B 511 34.58 -26.02 -22.22
CA ILE B 511 33.81 -27.10 -22.81
C ILE B 511 32.40 -26.61 -23.11
N LYS B 512 31.97 -26.74 -24.36
CA LYS B 512 30.61 -26.35 -24.71
C LYS B 512 29.63 -27.40 -24.21
N MET B 513 28.44 -26.94 -23.83
CA MET B 513 27.40 -27.81 -23.30
C MET B 513 26.08 -27.54 -24.03
N TYR B 514 25.30 -28.59 -24.20
CA TYR B 514 24.00 -28.50 -24.86
C TYR B 514 22.93 -28.93 -23.87
N PRO B 515 22.20 -28.00 -23.25
CA PRO B 515 21.19 -28.36 -22.24
C PRO B 515 19.87 -28.77 -22.87
N THR B 516 19.92 -29.78 -23.74
CA THR B 516 18.75 -30.31 -24.42
C THR B 516 17.87 -29.22 -25.04
#